data_7NWR
#
_entry.id   7NWR
#
_cell.length_a   66.805
_cell.length_b   104.563
_cell.length_c   124.318
_cell.angle_alpha   90.000
_cell.angle_beta   90.000
_cell.angle_gamma   90.000
#
_symmetry.space_group_name_H-M   'P 2 21 21'
#
loop_
_entity.id
_entity.type
_entity.pdbx_description
1 polymer 'Inositol-3-phosphate synthase'
2 non-polymer NICOTINAMIDE-ADENINE-DINUCLEOTIDE
3 non-polymer 'SODIUM ION'
4 water water
#
_entity_poly.entity_id   1
_entity_poly.type   'polypeptide(L)'
_entity_poly.pdbx_seq_one_letter_code
;MGSSHHHHHHSSGLVPRGSHMKQEIKPATGRLGVLVVGVGGAVATTMIVGTLASRKGLAKPIGSITQLATMRMENNEEKL
IKDVVPLTDLNDIVFGGWDIFPDNAYEAAMYAEVLKEKDLNGVKDELEAIKPMPAAFDHNWAKRLNGTHIKKAATRWEMV
EQLRQDIRDFKAANNCERVVVLWAASTEIYIPLSDEHMSLAALEKAMKDNNTEVISPSMCYAYAAIAEDAPFVMGAPNLC
VDTPAMWEFSKQKNVPISGKDFKSGQTLMKTVLAPMFKTRMLGVNGWFSTNILGNRDGEVLDDPDNFKTKEVSKLSVIDT
IFEPEKYPDLYGDVYHKVRINYYPPRKDNKEAWDNIDIFGWMGYPMEIKVNFLCRDSILAAPIALDLVLFSDLAMRAGMC
GIQTWLSFFCKSPMHDFEHQPEHDLFTQWRMVKQTLRNMIGEKEPDYLA
;
_entity_poly.pdbx_strand_id   B,A
#
loop_
_chem_comp.id
_chem_comp.type
_chem_comp.name
_chem_comp.formula
NA non-polymer 'SODIUM ION' 'Na 1'
NAD non-polymer NICOTINAMIDE-ADENINE-DINUCLEOTIDE 'C21 H27 N7 O14 P2'
#
# COMPACT_ATOMS: atom_id res chain seq x y z
N GLU A 24 2.53 -0.52 -33.71
CA GLU A 24 3.87 -0.44 -34.33
C GLU A 24 4.73 0.57 -33.57
N ILE A 25 5.81 0.11 -32.90
CA ILE A 25 6.62 1.01 -32.09
C ILE A 25 7.91 1.34 -32.83
N LYS A 26 8.14 2.63 -33.11
CA LYS A 26 9.39 3.03 -33.71
C LYS A 26 10.54 2.72 -32.76
N PRO A 27 11.65 2.10 -33.25
CA PRO A 27 12.77 1.72 -32.39
C PRO A 27 13.53 2.92 -31.84
N ALA A 28 14.29 2.71 -30.77
CA ALA A 28 15.01 3.78 -30.11
C ALA A 28 16.41 3.85 -30.71
N THR A 29 16.53 4.48 -31.87
CA THR A 29 17.80 4.53 -32.57
C THR A 29 18.43 5.90 -32.36
N GLY A 30 19.76 5.95 -32.42
CA GLY A 30 20.48 7.20 -32.35
C GLY A 30 20.44 7.77 -30.93
N ARG A 31 20.75 9.05 -30.81
CA ARG A 31 20.88 9.67 -29.49
C ARG A 31 19.58 10.42 -29.15
N LEU A 32 19.23 10.41 -27.86
CA LEU A 32 18.12 11.18 -27.32
C LEU A 32 18.69 12.38 -26.57
N GLY A 33 18.32 13.58 -27.01
CA GLY A 33 18.56 14.78 -26.22
C GLY A 33 17.54 14.91 -25.08
N VAL A 34 18.06 14.98 -23.85
CA VAL A 34 17.21 15.22 -22.70
C VAL A 34 17.53 16.62 -22.22
N LEU A 35 16.63 17.56 -22.55
CA LEU A 35 16.80 18.97 -22.26
C LEU A 35 16.01 19.34 -21.00
N VAL A 36 16.72 19.76 -19.94
CA VAL A 36 16.11 19.94 -18.64
C VAL A 36 16.01 21.42 -18.32
N VAL A 37 14.80 21.90 -18.03
CA VAL A 37 14.65 23.24 -17.50
C VAL A 37 15.02 23.14 -16.02
N GLY A 38 16.00 23.94 -15.60
CA GLY A 38 16.57 23.80 -14.26
C GLY A 38 17.65 22.73 -14.24
N VAL A 39 18.47 22.66 -15.31
CA VAL A 39 19.49 21.63 -15.44
C VAL A 39 20.52 21.81 -14.31
N GLY A 40 20.60 23.01 -13.72
CA GLY A 40 21.51 23.26 -12.60
C GLY A 40 20.90 22.96 -11.22
N GLY A 41 19.71 22.35 -11.18
CA GLY A 41 19.00 22.12 -9.93
C GLY A 41 19.39 20.82 -9.24
N ALA A 42 18.92 20.63 -8.00
CA ALA A 42 19.25 19.48 -7.18
C ALA A 42 18.72 18.19 -7.83
N VAL A 43 17.44 18.17 -8.23
CA VAL A 43 16.90 16.97 -8.85
C VAL A 43 17.59 16.71 -10.18
N ALA A 44 17.70 17.73 -11.04
CA ALA A 44 18.30 17.54 -12.36
C ALA A 44 19.72 16.97 -12.25
N THR A 45 20.58 17.59 -11.43
CA THR A 45 21.96 17.14 -11.33
C THR A 45 22.05 15.74 -10.77
N THR A 46 21.18 15.39 -9.81
CA THR A 46 21.16 14.05 -9.24
C THR A 46 20.78 13.02 -10.30
N MET A 47 19.75 13.32 -11.11
CA MET A 47 19.34 12.43 -12.19
C MET A 47 20.53 12.26 -13.16
N ILE A 48 21.17 13.38 -13.53
CA ILE A 48 22.28 13.37 -14.46
C ILE A 48 23.44 12.52 -13.94
N VAL A 49 23.88 12.77 -12.70
CA VAL A 49 25.03 12.07 -12.13
C VAL A 49 24.73 10.58 -12.10
N GLY A 50 23.52 10.23 -11.64
CA GLY A 50 23.09 8.86 -11.49
C GLY A 50 23.06 8.13 -12.83
N THR A 51 22.65 8.84 -13.87
CA THR A 51 22.55 8.23 -15.19
C THR A 51 23.95 7.97 -15.74
N LEU A 52 24.84 8.97 -15.63
CA LEU A 52 26.21 8.83 -16.15
C LEU A 52 26.96 7.71 -15.40
N ALA A 53 26.78 7.64 -14.08
CA ALA A 53 27.46 6.63 -13.27
C ALA A 53 26.87 5.25 -13.54
N SER A 54 25.53 5.17 -13.59
CA SER A 54 24.85 3.92 -13.81
C SER A 54 25.29 3.28 -15.12
N ARG A 55 25.34 4.09 -16.21
CA ARG A 55 25.62 3.51 -17.51
C ARG A 55 27.07 3.02 -17.59
N LYS A 56 27.93 3.48 -16.67
CA LYS A 56 29.32 3.05 -16.59
C LYS A 56 29.52 1.96 -15.53
N GLY A 57 28.45 1.50 -14.88
CA GLY A 57 28.57 0.51 -13.82
C GLY A 57 29.22 1.02 -12.54
N LEU A 58 29.18 2.33 -12.30
CA LEU A 58 29.76 2.92 -11.10
C LEU A 58 28.70 3.13 -10.03
N ALA A 59 27.43 2.87 -10.35
CA ALA A 59 26.32 3.03 -9.40
C ALA A 59 25.13 2.28 -9.97
N LYS A 60 24.10 2.12 -9.13
CA LYS A 60 22.90 1.40 -9.52
C LYS A 60 21.73 2.39 -9.56
N PRO A 61 20.86 2.29 -10.59
CA PRO A 61 19.72 3.19 -10.71
C PRO A 61 18.51 2.76 -9.86
N ILE A 62 18.75 2.58 -8.56
CA ILE A 62 17.73 2.19 -7.59
C ILE A 62 16.54 3.14 -7.72
N GLY A 63 15.30 2.63 -7.65
CA GLY A 63 14.17 3.53 -7.74
C GLY A 63 13.67 3.74 -9.17
N SER A 64 14.41 3.27 -10.18
CA SER A 64 14.00 3.43 -11.58
C SER A 64 13.16 2.25 -12.07
N ILE A 65 11.90 2.52 -12.44
CA ILE A 65 11.04 1.50 -13.01
C ILE A 65 11.64 1.06 -14.36
N THR A 66 12.06 2.03 -15.18
CA THR A 66 12.54 1.73 -16.52
C THR A 66 13.77 0.83 -16.47
N GLN A 67 14.67 1.06 -15.50
CA GLN A 67 15.94 0.34 -15.47
C GLN A 67 15.83 -0.99 -14.73
N LEU A 68 14.94 -1.10 -13.74
CA LEU A 68 15.02 -2.23 -12.82
C LEU A 68 13.73 -3.03 -12.73
N ALA A 69 12.57 -2.44 -13.03
CA ALA A 69 11.33 -3.17 -12.75
C ALA A 69 11.06 -4.27 -13.77
N THR A 70 10.41 -5.36 -13.32
CA THR A 70 9.98 -6.44 -14.19
C THR A 70 8.45 -6.51 -14.23
N MET A 71 7.92 -7.34 -15.13
CA MET A 71 6.48 -7.51 -15.35
C MET A 71 6.28 -8.97 -15.72
N ARG A 72 5.13 -9.57 -15.36
CA ARG A 72 4.78 -10.89 -15.87
C ARG A 72 4.06 -10.73 -17.21
N MET A 73 4.50 -11.47 -18.24
CA MET A 73 3.97 -11.29 -19.59
C MET A 73 2.83 -12.28 -19.82
N GLU A 74 2.21 -12.23 -21.01
CA GLU A 74 1.02 -13.02 -21.31
C GLU A 74 1.31 -14.52 -21.15
N ASN A 75 2.50 -14.96 -21.50
CA ASN A 75 2.85 -16.36 -21.36
C ASN A 75 3.42 -16.62 -19.97
N ASN A 76 3.31 -15.64 -19.07
CA ASN A 76 3.69 -15.82 -17.68
C ASN A 76 5.20 -15.73 -17.44
N GLU A 77 5.99 -15.41 -18.48
CA GLU A 77 7.41 -15.15 -18.27
C GLU A 77 7.56 -13.79 -17.58
N GLU A 78 8.53 -13.72 -16.67
CA GLU A 78 8.82 -12.48 -15.96
C GLU A 78 10.00 -11.82 -16.65
N LYS A 79 9.84 -10.58 -17.13
CA LYS A 79 10.90 -9.93 -17.88
C LYS A 79 11.05 -8.50 -17.38
N LEU A 80 12.25 -7.93 -17.55
CA LEU A 80 12.47 -6.51 -17.32
C LEU A 80 11.61 -5.74 -18.32
N ILE A 81 11.02 -4.62 -17.85
CA ILE A 81 10.23 -3.80 -18.74
C ILE A 81 11.12 -3.34 -19.90
N LYS A 82 12.39 -3.04 -19.61
CA LYS A 82 13.29 -2.54 -20.66
C LYS A 82 13.57 -3.63 -21.72
N ASP A 83 13.21 -4.88 -21.43
CA ASP A 83 13.38 -5.96 -22.39
C ASP A 83 12.06 -6.27 -23.09
N VAL A 84 11.00 -5.56 -22.71
CA VAL A 84 9.69 -5.84 -23.28
C VAL A 84 9.30 -4.76 -24.28
N VAL A 85 9.73 -3.51 -24.01
CA VAL A 85 9.46 -2.39 -24.88
C VAL A 85 10.79 -1.72 -25.20
N PRO A 86 10.93 -1.08 -26.38
CA PRO A 86 12.17 -0.41 -26.74
C PRO A 86 12.33 0.97 -26.11
N LEU A 87 13.23 1.04 -25.12
CA LEU A 87 13.54 2.31 -24.48
C LEU A 87 14.88 2.79 -24.99
N THR A 88 15.15 4.10 -24.86
CA THR A 88 16.50 4.60 -25.09
C THR A 88 17.44 4.01 -24.04
N ASP A 89 18.54 3.42 -24.51
CA ASP A 89 19.62 2.94 -23.69
C ASP A 89 20.28 4.15 -23.02
N LEU A 90 20.71 3.99 -21.74
CA LEU A 90 21.28 5.11 -21.01
C LEU A 90 22.47 5.71 -21.77
N ASN A 91 23.22 4.85 -22.49
CA ASN A 91 24.42 5.26 -23.20
C ASN A 91 24.07 6.21 -24.35
N ASP A 92 22.81 6.22 -24.80
CA ASP A 92 22.40 7.04 -25.93
C ASP A 92 21.77 8.37 -25.50
N ILE A 93 21.81 8.69 -24.20
CA ILE A 93 21.25 9.94 -23.71
C ILE A 93 22.34 11.01 -23.78
N VAL A 94 21.99 12.20 -24.27
CA VAL A 94 22.85 13.37 -24.11
C VAL A 94 22.06 14.42 -23.35
N PHE A 95 22.61 14.91 -22.25
CA PHE A 95 21.91 15.87 -21.42
C PHE A 95 22.30 17.31 -21.80
N GLY A 96 21.31 18.21 -21.70
CA GLY A 96 21.55 19.66 -21.66
C GLY A 96 20.35 20.39 -21.02
N GLY A 97 20.30 21.71 -21.16
CA GLY A 97 19.13 22.42 -20.64
C GLY A 97 19.42 23.88 -20.32
N TRP A 98 18.58 24.45 -19.47
CA TRP A 98 18.58 25.87 -19.16
C TRP A 98 18.66 26.05 -17.65
N ASP A 99 19.27 27.17 -17.20
CA ASP A 99 19.17 27.58 -15.80
C ASP A 99 19.47 29.07 -15.67
N ILE A 100 19.04 29.68 -14.57
CA ILE A 100 19.32 31.09 -14.34
C ILE A 100 20.69 31.26 -13.68
N PHE A 101 21.31 30.16 -13.24
CA PHE A 101 22.68 30.19 -12.74
C PHE A 101 23.55 29.50 -13.79
N PRO A 102 24.69 30.12 -14.18
CA PRO A 102 25.50 29.60 -15.30
C PRO A 102 26.39 28.39 -14.98
N ASP A 103 26.49 28.02 -13.69
CA ASP A 103 27.36 26.93 -13.23
C ASP A 103 27.09 25.67 -14.05
N ASN A 104 28.18 24.98 -14.43
CA ASN A 104 28.13 23.67 -15.07
C ASN A 104 27.55 22.62 -14.12
N ALA A 105 27.26 21.43 -14.64
CA ALA A 105 26.55 20.39 -13.89
C ALA A 105 27.37 19.94 -12.67
N TYR A 106 28.71 19.96 -12.82
CA TYR A 106 29.59 19.62 -11.72
C TYR A 106 29.47 20.65 -10.60
N GLU A 107 29.65 21.94 -10.96
CA GLU A 107 29.58 23.03 -10.00
C GLU A 107 28.21 23.04 -9.31
N ALA A 108 27.16 22.84 -10.11
CA ALA A 108 25.80 22.87 -9.59
C ALA A 108 25.55 21.70 -8.63
N ALA A 109 26.09 20.50 -8.95
CA ALA A 109 25.93 19.34 -8.09
C ALA A 109 26.68 19.51 -6.77
N MET A 110 27.87 20.14 -6.83
CA MET A 110 28.64 20.47 -5.64
C MET A 110 27.83 21.42 -4.76
N TYR A 111 27.16 22.40 -5.37
CA TYR A 111 26.35 23.34 -4.61
C TYR A 111 25.16 22.63 -3.93
N ALA A 112 24.55 21.66 -4.63
CA ALA A 112 23.30 21.08 -4.15
C ALA A 112 23.54 20.21 -2.92
N GLU A 113 24.75 19.64 -2.81
CA GLU A 113 25.16 18.86 -1.64
C GLU A 113 24.32 17.59 -1.46
N VAL A 114 23.76 17.04 -2.53
CA VAL A 114 22.98 15.82 -2.43
C VAL A 114 23.93 14.61 -2.43
N LEU A 115 24.92 14.64 -3.32
CA LEU A 115 25.75 13.46 -3.59
C LEU A 115 27.17 13.66 -3.04
N LYS A 116 27.81 12.57 -2.56
CA LYS A 116 29.17 12.60 -2.07
C LYS A 116 30.15 12.99 -3.18
N GLU A 117 31.25 13.64 -2.82
CA GLU A 117 32.24 14.07 -3.80
C GLU A 117 32.82 12.90 -4.59
N LYS A 118 32.92 11.73 -3.98
CA LYS A 118 33.51 10.63 -4.71
C LYS A 118 32.57 10.15 -5.82
N ASP A 119 31.26 10.38 -5.66
CA ASP A 119 30.30 10.05 -6.70
C ASP A 119 30.38 11.11 -7.79
N LEU A 120 30.52 12.38 -7.42
CA LEU A 120 30.63 13.40 -8.45
C LEU A 120 31.93 13.22 -9.20
N ASN A 121 33.00 12.88 -8.48
CA ASN A 121 34.32 12.84 -9.08
C ASN A 121 34.42 11.80 -10.18
N GLY A 122 33.74 10.66 -9.99
CA GLY A 122 33.76 9.55 -10.93
C GLY A 122 33.23 9.92 -12.31
N VAL A 123 32.44 11.00 -12.43
CA VAL A 123 31.87 11.40 -13.71
C VAL A 123 32.11 12.90 -13.96
N LYS A 124 33.10 13.48 -13.27
CA LYS A 124 33.36 14.91 -13.29
C LYS A 124 33.59 15.40 -14.71
N ASP A 125 34.36 14.63 -15.49
CA ASP A 125 34.68 14.95 -16.88
C ASP A 125 33.40 15.24 -17.68
N GLU A 126 32.43 14.34 -17.60
CA GLU A 126 31.21 14.53 -18.35
C GLU A 126 30.37 15.66 -17.74
N LEU A 127 30.35 15.76 -16.41
CA LEU A 127 29.49 16.74 -15.74
C LEU A 127 29.90 18.17 -16.11
N GLU A 128 31.22 18.41 -16.14
CA GLU A 128 31.80 19.74 -16.36
C GLU A 128 31.46 20.20 -17.76
N ALA A 129 31.25 19.25 -18.68
CA ALA A 129 30.90 19.56 -20.05
C ALA A 129 29.39 19.85 -20.24
N ILE A 130 28.58 19.71 -19.19
CA ILE A 130 27.16 20.03 -19.34
C ILE A 130 26.97 21.46 -18.85
N LYS A 131 26.66 22.38 -19.79
CA LYS A 131 26.60 23.80 -19.45
C LYS A 131 25.21 24.37 -19.75
N PRO A 132 24.58 25.08 -18.79
CA PRO A 132 23.23 25.61 -19.00
C PRO A 132 23.20 26.76 -19.99
N MET A 133 22.25 26.69 -20.94
CA MET A 133 21.88 27.80 -21.80
C MET A 133 21.11 28.83 -20.96
N PRO A 134 21.15 30.14 -21.31
CA PRO A 134 20.40 31.15 -20.55
C PRO A 134 18.90 30.86 -20.56
N ALA A 135 18.25 31.15 -19.43
CA ALA A 135 16.87 30.74 -19.21
C ALA A 135 15.89 31.82 -19.67
N ALA A 136 14.70 31.38 -20.09
CA ALA A 136 13.53 32.23 -20.09
C ALA A 136 13.01 32.28 -18.65
N PHE A 137 13.17 33.45 -18.02
CA PHE A 137 12.87 33.62 -16.60
C PHE A 137 12.11 34.93 -16.37
N ASP A 138 11.22 34.91 -15.38
CA ASP A 138 10.50 36.07 -14.91
C ASP A 138 10.62 36.10 -13.39
N HIS A 139 11.39 37.07 -12.88
CA HIS A 139 11.64 37.24 -11.44
C HIS A 139 10.36 37.08 -10.62
N ASN A 140 9.25 37.62 -11.14
CA ASN A 140 7.98 37.69 -10.41
C ASN A 140 7.40 36.31 -10.11
N TRP A 141 7.82 35.29 -10.88
CA TRP A 141 7.27 33.94 -10.74
C TRP A 141 8.07 33.10 -9.73
N ALA A 142 9.27 33.56 -9.37
CA ALA A 142 10.10 32.87 -8.40
C ALA A 142 11.01 33.90 -7.74
N LYS A 143 10.40 34.69 -6.83
CA LYS A 143 10.95 35.95 -6.34
C LYS A 143 12.23 35.74 -5.53
N ARG A 144 12.34 34.59 -4.85
CA ARG A 144 13.45 34.31 -3.94
C ARG A 144 14.74 33.97 -4.68
N LEU A 145 14.69 33.80 -6.02
CA LEU A 145 15.88 33.45 -6.80
C LEU A 145 16.44 34.70 -7.49
N ASN A 146 17.76 34.83 -7.44
CA ASN A 146 18.43 35.92 -8.16
C ASN A 146 19.65 35.39 -8.88
N GLY A 147 19.40 34.61 -9.92
CA GLY A 147 20.42 34.28 -10.89
C GLY A 147 20.47 35.31 -12.01
N THR A 148 21.52 35.21 -12.82
CA THR A 148 21.92 36.21 -13.80
C THR A 148 21.83 35.64 -15.23
N HIS A 149 21.85 34.31 -15.34
CA HIS A 149 22.05 33.66 -16.62
C HIS A 149 20.70 33.54 -17.32
N ILE A 150 20.12 34.70 -17.68
CA ILE A 150 18.76 34.79 -18.19
C ILE A 150 18.75 35.45 -19.57
N LYS A 151 17.86 35.00 -20.45
CA LYS A 151 17.75 35.57 -21.79
C LYS A 151 17.23 37.00 -21.68
N LYS A 152 17.57 37.85 -22.65
CA LYS A 152 16.90 39.12 -22.81
C LYS A 152 15.82 38.97 -23.87
N ALA A 153 14.55 39.04 -23.47
CA ALA A 153 13.49 38.56 -24.33
C ALA A 153 12.28 39.48 -24.27
N ALA A 154 11.90 40.01 -25.44
CA ALA A 154 10.94 41.10 -25.56
C ALA A 154 9.59 40.72 -24.95
N THR A 155 9.11 39.52 -25.27
CA THR A 155 7.75 39.12 -24.93
C THR A 155 7.75 37.62 -24.61
N ARG A 156 6.64 37.15 -24.04
CA ARG A 156 6.43 35.73 -23.87
C ARG A 156 6.65 35.03 -25.22
N TRP A 157 6.17 35.65 -26.30
CA TRP A 157 6.24 34.97 -27.59
C TRP A 157 7.70 34.89 -28.07
N GLU A 158 8.52 35.90 -27.71
CA GLU A 158 9.93 35.92 -28.04
C GLU A 158 10.65 34.82 -27.28
N MET A 159 10.26 34.63 -26.00
CA MET A 159 10.75 33.51 -25.22
C MET A 159 10.50 32.22 -26.01
N VAL A 160 9.26 31.99 -26.48
CA VAL A 160 8.96 30.80 -27.25
C VAL A 160 9.95 30.63 -28.41
N GLU A 161 10.16 31.70 -29.17
CA GLU A 161 10.94 31.57 -30.39
C GLU A 161 12.41 31.29 -30.08
N GLN A 162 12.94 31.91 -29.01
CA GLN A 162 14.32 31.67 -28.61
C GLN A 162 14.50 30.23 -28.13
N LEU A 163 13.48 29.72 -27.41
CA LEU A 163 13.55 28.36 -26.86
C LEU A 163 13.50 27.33 -27.99
N ARG A 164 12.69 27.60 -29.03
CA ARG A 164 12.64 26.69 -30.16
C ARG A 164 14.00 26.66 -30.85
N GLN A 165 14.63 27.83 -30.98
CA GLN A 165 15.98 27.94 -31.56
C GLN A 165 16.97 27.07 -30.76
N ASP A 166 16.92 27.17 -29.43
CA ASP A 166 17.83 26.42 -28.55
C ASP A 166 17.66 24.93 -28.78
N ILE A 167 16.40 24.47 -28.86
CA ILE A 167 16.14 23.06 -29.08
C ILE A 167 16.75 22.64 -30.42
N ARG A 168 16.49 23.43 -31.47
CA ARG A 168 17.01 23.13 -32.80
C ARG A 168 18.54 23.07 -32.75
N ASP A 169 19.17 24.08 -32.13
CA ASP A 169 20.64 24.15 -32.05
C ASP A 169 21.22 22.92 -31.36
N PHE A 170 20.58 22.53 -30.24
CA PHE A 170 21.07 21.43 -29.43
C PHE A 170 20.99 20.11 -30.20
N LYS A 171 19.84 19.88 -30.84
CA LYS A 171 19.63 18.64 -31.59
C LYS A 171 20.71 18.49 -32.66
N ALA A 172 20.99 19.58 -33.39
CA ALA A 172 21.95 19.58 -34.49
C ALA A 172 23.38 19.41 -33.96
N ALA A 173 23.75 20.18 -32.92
CA ALA A 173 25.10 20.15 -32.36
C ALA A 173 25.42 18.79 -31.72
N ASN A 174 24.41 18.07 -31.21
CA ASN A 174 24.71 16.85 -30.48
C ASN A 174 24.25 15.63 -31.24
N ASN A 175 23.76 15.85 -32.48
CA ASN A 175 23.40 14.74 -33.34
C ASN A 175 22.32 13.87 -32.66
N CYS A 176 21.25 14.50 -32.15
CA CYS A 176 20.14 13.78 -31.53
C CYS A 176 19.05 13.50 -32.56
N GLU A 177 18.59 12.27 -32.58
CA GLU A 177 17.44 11.88 -33.37
C GLU A 177 16.16 12.50 -32.80
N ARG A 178 16.00 12.48 -31.46
CA ARG A 178 14.76 12.89 -30.77
C ARG A 178 15.16 13.70 -29.54
N VAL A 179 14.21 14.47 -29.00
CA VAL A 179 14.39 15.26 -27.78
C VAL A 179 13.20 15.00 -26.87
N VAL A 180 13.45 15.09 -25.56
CA VAL A 180 12.42 15.22 -24.54
C VAL A 180 12.77 16.46 -23.71
N VAL A 181 11.76 17.27 -23.41
CA VAL A 181 11.97 18.42 -22.54
C VAL A 181 11.34 18.13 -21.18
N LEU A 182 12.15 18.23 -20.12
CA LEU A 182 11.74 17.98 -18.75
C LEU A 182 11.83 19.29 -17.99
N TRP A 183 10.69 19.72 -17.43
CA TRP A 183 10.73 20.83 -16.51
C TRP A 183 11.08 20.28 -15.12
N ALA A 184 12.30 20.60 -14.66
CA ALA A 184 12.71 20.28 -13.30
C ALA A 184 13.12 21.58 -12.60
N ALA A 185 12.45 22.68 -12.96
CA ALA A 185 12.83 23.99 -12.45
C ALA A 185 11.89 24.38 -11.31
N SER A 186 12.06 25.58 -10.76
CA SER A 186 11.39 25.94 -9.51
C SER A 186 9.88 25.98 -9.69
N THR A 187 9.17 25.65 -8.59
CA THR A 187 7.73 25.84 -8.48
C THR A 187 7.39 27.31 -8.70
N GLU A 188 6.49 27.58 -9.66
CA GLU A 188 6.05 28.93 -9.98
C GLU A 188 4.91 29.33 -9.04
N ILE A 189 4.64 30.65 -9.00
CA ILE A 189 3.57 31.20 -8.19
C ILE A 189 2.24 30.59 -8.60
N TYR A 190 1.30 30.46 -7.65
CA TYR A 190 -0.04 30.00 -7.98
C TYR A 190 -0.71 30.94 -9.00
N ILE A 191 -1.33 30.38 -10.04
CA ILE A 191 -2.28 31.12 -10.88
C ILE A 191 -3.44 30.22 -11.28
N PRO A 192 -4.67 30.75 -11.41
CA PRO A 192 -5.81 29.93 -11.79
C PRO A 192 -5.90 29.77 -13.30
N LEU A 193 -6.67 28.75 -13.71
CA LEU A 193 -7.15 28.61 -15.08
C LEU A 193 -7.89 29.89 -15.45
N SER A 194 -7.72 30.37 -16.69
CA SER A 194 -8.46 31.53 -17.16
C SER A 194 -8.71 31.46 -18.67
N ASP A 195 -9.39 32.48 -19.22
CA ASP A 195 -9.95 32.44 -20.56
C ASP A 195 -8.86 32.18 -21.60
N GLU A 196 -7.67 32.72 -21.32
CA GLU A 196 -6.54 32.68 -22.24
C GLU A 196 -6.01 31.24 -22.39
N HIS A 197 -6.38 30.34 -21.47
CA HIS A 197 -5.84 28.99 -21.47
C HIS A 197 -6.81 28.06 -22.21
N MET A 198 -7.95 28.59 -22.67
CA MET A 198 -9.07 27.74 -23.04
C MET A 198 -8.99 27.24 -24.47
N SER A 199 -8.08 27.81 -25.27
CA SER A 199 -7.84 27.31 -26.62
C SER A 199 -6.44 27.72 -27.06
N LEU A 200 -5.92 27.05 -28.10
CA LEU A 200 -4.56 27.33 -28.57
C LEU A 200 -4.48 28.76 -29.11
N ALA A 201 -5.52 29.16 -29.86
CA ALA A 201 -5.56 30.50 -30.44
C ALA A 201 -5.48 31.54 -29.33
N ALA A 202 -6.28 31.36 -28.27
CA ALA A 202 -6.28 32.32 -27.17
C ALA A 202 -4.92 32.33 -26.45
N LEU A 203 -4.25 31.16 -26.39
CA LEU A 203 -3.01 31.10 -25.62
C LEU A 203 -1.93 31.87 -26.38
N GLU A 204 -1.87 31.62 -27.69
CA GLU A 204 -0.92 32.31 -28.56
C GLU A 204 -1.12 33.81 -28.51
N LYS A 205 -2.39 34.25 -28.54
CA LYS A 205 -2.70 35.67 -28.51
C LYS A 205 -2.14 36.28 -27.22
N ALA A 206 -2.34 35.56 -26.10
CA ALA A 206 -1.92 36.09 -24.81
C ALA A 206 -0.39 36.16 -24.77
N MET A 207 0.27 35.17 -25.41
CA MET A 207 1.73 35.14 -25.48
C MET A 207 2.23 36.38 -26.24
N LYS A 208 1.62 36.69 -27.40
CA LYS A 208 1.99 37.82 -28.23
C LYS A 208 1.74 39.16 -27.53
N ASP A 209 0.62 39.28 -26.80
CA ASP A 209 0.30 40.50 -26.07
C ASP A 209 1.19 40.63 -24.85
N ASN A 210 1.99 39.59 -24.60
CA ASN A 210 2.93 39.57 -23.49
C ASN A 210 2.13 39.66 -22.19
N ASN A 211 1.07 38.83 -22.09
CA ASN A 211 0.32 38.76 -20.84
C ASN A 211 1.09 37.99 -19.77
N THR A 212 1.82 38.77 -18.97
CA THR A 212 2.76 38.35 -17.95
C THR A 212 2.04 37.74 -16.75
N GLU A 213 0.70 37.82 -16.72
CA GLU A 213 -0.02 37.39 -15.53
C GLU A 213 -0.62 36.00 -15.74
N VAL A 214 -0.95 35.66 -16.98
CA VAL A 214 -1.59 34.37 -17.26
C VAL A 214 -0.64 33.43 -18.01
N ILE A 215 0.47 33.96 -18.54
CA ILE A 215 1.41 33.11 -19.27
C ILE A 215 2.67 32.90 -18.43
N SER A 216 2.85 31.66 -17.95
CA SER A 216 4.01 31.32 -17.14
C SER A 216 5.22 31.20 -18.07
N PRO A 217 6.46 31.39 -17.56
CA PRO A 217 7.62 30.97 -18.33
C PRO A 217 7.51 29.49 -18.73
N SER A 218 6.98 28.66 -17.82
CA SER A 218 6.96 27.24 -18.10
C SER A 218 6.15 26.95 -19.37
N MET A 219 5.05 27.70 -19.56
CA MET A 219 4.19 27.52 -20.72
C MET A 219 4.95 27.80 -22.02
N CYS A 220 5.97 28.69 -21.95
CA CYS A 220 6.75 29.02 -23.14
C CYS A 220 7.66 27.84 -23.48
N TYR A 221 8.27 27.19 -22.48
CA TYR A 221 9.08 26.01 -22.74
C TYR A 221 8.20 24.87 -23.25
N ALA A 222 6.99 24.73 -22.67
CA ALA A 222 6.11 23.65 -23.11
C ALA A 222 5.70 23.85 -24.56
N TYR A 223 5.36 25.10 -24.93
CA TYR A 223 4.95 25.42 -26.28
C TYR A 223 6.10 25.09 -27.25
N ALA A 224 7.30 25.56 -26.90
CA ALA A 224 8.48 25.34 -27.73
C ALA A 224 8.74 23.85 -27.91
N ALA A 225 8.56 23.08 -26.82
CA ALA A 225 8.83 21.66 -26.87
C ALA A 225 7.84 21.01 -27.85
N ILE A 226 6.55 21.27 -27.63
CA ILE A 226 5.54 20.67 -28.51
C ILE A 226 5.76 21.13 -29.96
N ALA A 227 6.05 22.42 -30.17
CA ALA A 227 6.28 22.94 -31.53
C ALA A 227 7.42 22.23 -32.22
N GLU A 228 8.36 21.67 -31.43
CA GLU A 228 9.57 21.05 -31.95
C GLU A 228 9.49 19.53 -31.84
N ASP A 229 8.29 18.98 -31.70
CA ASP A 229 8.10 17.54 -31.76
C ASP A 229 8.76 16.83 -30.58
N ALA A 230 8.84 17.52 -29.43
CA ALA A 230 9.49 16.97 -28.25
C ALA A 230 8.47 16.80 -27.13
N PRO A 231 8.28 15.56 -26.61
CA PRO A 231 7.42 15.33 -25.46
C PRO A 231 7.86 16.25 -24.32
N PHE A 232 6.88 16.66 -23.50
CA PHE A 232 7.14 17.57 -22.39
C PHE A 232 6.63 16.96 -21.09
N VAL A 233 7.44 17.09 -20.01
CA VAL A 233 7.11 16.56 -18.69
C VAL A 233 7.16 17.70 -17.70
N MET A 234 6.08 17.89 -16.92
CA MET A 234 6.06 18.97 -15.93
C MET A 234 6.33 18.36 -14.54
N GLY A 235 7.56 18.48 -14.05
CA GLY A 235 7.96 17.84 -12.81
C GLY A 235 7.64 18.66 -11.56
N ALA A 236 7.22 19.92 -11.75
CA ALA A 236 6.80 20.82 -10.68
C ALA A 236 5.27 20.85 -10.63
N PRO A 237 4.61 21.45 -9.61
CA PRO A 237 3.15 21.52 -9.60
C PRO A 237 2.49 22.66 -10.38
N ASN A 238 3.25 23.29 -11.29
CA ASN A 238 2.87 24.50 -12.01
C ASN A 238 1.71 24.24 -12.98
N LEU A 239 0.76 25.20 -13.03
CA LEU A 239 -0.17 25.26 -14.16
C LEU A 239 0.63 25.51 -15.43
N CYS A 240 0.48 24.59 -16.40
CA CYS A 240 1.33 24.64 -17.58
C CYS A 240 0.69 23.84 -18.71
N VAL A 241 0.78 22.51 -18.65
CA VAL A 241 0.25 21.70 -19.74
C VAL A 241 -1.13 21.17 -19.38
N ASP A 242 -1.55 21.35 -18.12
CA ASP A 242 -2.90 21.03 -17.68
C ASP A 242 -3.88 22.15 -18.05
N THR A 243 -3.90 22.55 -19.32
CA THR A 243 -4.82 23.55 -19.84
C THR A 243 -5.39 23.07 -21.18
N PRO A 244 -6.66 23.36 -21.52
CA PRO A 244 -7.21 22.99 -22.83
C PRO A 244 -6.30 23.41 -24.00
N ALA A 245 -5.64 24.56 -23.90
CA ALA A 245 -4.79 25.02 -24.99
C ALA A 245 -3.68 24.00 -25.29
N MET A 246 -3.10 23.43 -24.22
CA MET A 246 -1.99 22.50 -24.41
C MET A 246 -2.51 21.13 -24.83
N TRP A 247 -3.73 20.78 -24.39
CA TRP A 247 -4.32 19.53 -24.85
C TRP A 247 -4.54 19.61 -26.34
N GLU A 248 -5.04 20.77 -26.80
CA GLU A 248 -5.29 20.99 -28.23
C GLU A 248 -3.98 20.89 -29.00
N PHE A 249 -2.95 21.64 -28.57
CA PHE A 249 -1.69 21.71 -29.31
C PHE A 249 -1.01 20.35 -29.38
N SER A 250 -0.89 19.67 -28.22
CA SER A 250 -0.18 18.40 -28.16
C SER A 250 -0.85 17.36 -29.05
N LYS A 251 -2.19 17.39 -29.10
CA LYS A 251 -2.92 16.46 -29.96
C LYS A 251 -2.70 16.77 -31.45
N GLN A 252 -2.70 18.05 -31.79
CA GLN A 252 -2.49 18.47 -33.16
C GLN A 252 -1.10 18.06 -33.63
N LYS A 253 -0.11 18.16 -32.74
CA LYS A 253 1.27 17.88 -33.07
C LYS A 253 1.63 16.41 -32.85
N ASN A 254 0.71 15.60 -32.32
CA ASN A 254 1.04 14.21 -32.03
C ASN A 254 2.19 14.10 -31.03
N VAL A 255 2.18 14.94 -30.00
CA VAL A 255 3.20 14.91 -28.96
C VAL A 255 2.54 14.52 -27.64
N PRO A 256 3.18 13.61 -26.85
CA PRO A 256 2.75 13.30 -25.49
C PRO A 256 3.12 14.41 -24.51
N ILE A 257 2.22 14.70 -23.56
CA ILE A 257 2.52 15.58 -22.45
C ILE A 257 2.18 14.84 -21.15
N SER A 258 3.02 15.02 -20.13
CA SER A 258 2.86 14.30 -18.87
C SER A 258 3.02 15.27 -17.70
N GLY A 259 2.34 14.94 -16.60
CA GLY A 259 2.48 15.74 -15.40
C GLY A 259 1.40 15.40 -14.36
N LYS A 260 1.53 16.00 -13.13
CA LYS A 260 2.62 16.95 -12.81
C LYS A 260 3.04 16.73 -11.37
N ASP A 261 4.28 17.16 -11.05
CA ASP A 261 4.80 17.22 -9.68
C ASP A 261 5.31 15.83 -9.26
N PHE A 262 6.63 15.60 -9.27
CA PHE A 262 7.10 14.25 -8.96
C PHE A 262 6.51 13.76 -7.63
N LYS A 263 6.00 12.52 -7.60
CA LYS A 263 5.47 11.95 -6.37
C LYS A 263 6.53 11.04 -5.74
N SER A 264 7.30 11.55 -4.77
CA SER A 264 8.57 10.92 -4.40
C SER A 264 8.59 10.44 -2.94
N GLY A 265 7.97 11.19 -2.00
CA GLY A 265 8.20 10.97 -0.59
C GLY A 265 6.93 10.95 0.26
N GLN A 266 6.57 12.12 0.79
CA GLN A 266 5.44 12.19 1.72
C GLN A 266 4.13 11.87 1.03
N THR A 267 3.96 12.41 -0.20
CA THR A 267 2.77 12.15 -1.00
C THR A 267 2.76 10.71 -1.51
N LEU A 268 3.93 10.13 -1.81
CA LEU A 268 3.95 8.72 -2.19
C LEU A 268 3.29 7.90 -1.09
N MET A 269 3.71 8.17 0.14
CA MET A 269 3.22 7.45 1.31
C MET A 269 1.71 7.67 1.47
N LYS A 270 1.25 8.90 1.23
CA LYS A 270 -0.16 9.22 1.41
C LYS A 270 -1.01 8.38 0.44
N THR A 271 -0.49 8.17 -0.78
CA THR A 271 -1.25 7.42 -1.77
C THR A 271 -1.01 5.92 -1.65
N VAL A 272 -0.37 5.51 -0.55
CA VAL A 272 -0.26 4.11 -0.18
C VAL A 272 -1.10 3.83 1.09
N LEU A 273 -1.02 4.73 2.09
CA LEU A 273 -1.77 4.49 3.30
C LEU A 273 -3.27 4.75 3.08
N ALA A 274 -3.63 5.73 2.26
CA ALA A 274 -5.06 5.94 2.02
C ALA A 274 -5.66 4.68 1.40
N PRO A 275 -5.06 4.06 0.36
CA PRO A 275 -5.53 2.75 -0.09
C PRO A 275 -5.61 1.67 0.99
N MET A 276 -4.67 1.66 1.95
CA MET A 276 -4.75 0.72 3.05
C MET A 276 -6.04 0.93 3.85
N PHE A 277 -6.32 2.18 4.25
CA PHE A 277 -7.51 2.40 5.05
C PHE A 277 -8.74 2.01 4.23
N LYS A 278 -8.72 2.33 2.93
CA LYS A 278 -9.86 2.02 2.08
C LYS A 278 -10.07 0.51 1.98
N THR A 279 -8.99 -0.22 1.67
CA THR A 279 -9.03 -1.67 1.51
C THR A 279 -9.50 -2.37 2.80
N ARG A 280 -9.21 -1.81 3.98
CA ARG A 280 -9.59 -2.42 5.24
C ARG A 280 -10.85 -1.77 5.83
N MET A 281 -11.54 -0.90 5.05
CA MET A 281 -12.79 -0.27 5.47
C MET A 281 -12.64 0.41 6.84
N LEU A 282 -11.53 1.11 7.01
CA LEU A 282 -11.29 1.87 8.24
C LEU A 282 -11.63 3.34 7.95
N GLY A 283 -12.25 4.00 8.92
CA GLY A 283 -12.59 5.40 8.71
C GLY A 283 -11.40 6.32 8.98
N VAL A 284 -11.45 7.56 8.44
CA VAL A 284 -10.44 8.58 8.69
C VAL A 284 -11.14 9.88 9.14
N ASN A 285 -10.73 10.42 10.30
CA ASN A 285 -11.27 11.68 10.80
C ASN A 285 -10.37 12.86 10.40
N GLY A 286 -9.08 12.59 10.22
CA GLY A 286 -8.15 13.67 9.94
C GLY A 286 -6.76 13.19 9.49
N TRP A 287 -6.04 14.08 8.81
CA TRP A 287 -4.70 13.78 8.32
C TRP A 287 -3.96 15.12 8.29
N PHE A 288 -2.93 15.23 9.13
CA PHE A 288 -2.08 16.40 9.19
C PHE A 288 -0.72 16.02 8.63
N SER A 289 -0.20 16.82 7.68
CA SER A 289 1.11 16.56 7.08
C SER A 289 1.95 17.82 7.16
N THR A 290 3.18 17.70 7.70
CA THR A 290 4.12 18.83 7.70
C THR A 290 5.49 18.34 7.22
N ASN A 291 6.36 19.27 6.85
CA ASN A 291 7.65 19.00 6.23
C ASN A 291 8.60 20.11 6.68
N ILE A 292 9.89 19.79 6.83
CA ILE A 292 10.95 20.79 6.97
C ILE A 292 12.04 20.52 5.94
N LEU A 293 12.46 21.53 5.17
CA LEU A 293 13.52 21.35 4.17
C LEU A 293 14.24 22.68 3.97
N GLY A 294 15.51 22.59 3.57
CA GLY A 294 16.34 23.78 3.54
C GLY A 294 17.11 23.96 2.23
N ASN A 295 16.60 23.38 1.13
CA ASN A 295 17.30 23.42 -0.15
C ASN A 295 16.78 24.63 -0.95
N ARG A 296 17.23 24.75 -2.21
CA ARG A 296 16.80 25.81 -3.11
C ARG A 296 15.30 25.72 -3.39
N ASP A 297 14.79 24.49 -3.49
CA ASP A 297 13.36 24.20 -3.54
C ASP A 297 12.67 24.88 -2.34
N GLY A 298 13.13 24.58 -1.12
CA GLY A 298 12.59 25.17 0.10
C GLY A 298 12.69 26.69 0.11
N GLU A 299 13.79 27.25 -0.39
CA GLU A 299 13.91 28.70 -0.42
C GLU A 299 12.76 29.32 -1.21
N VAL A 300 12.41 28.70 -2.34
CA VAL A 300 11.39 29.25 -3.24
C VAL A 300 10.03 29.11 -2.56
N LEU A 301 9.83 27.95 -1.93
CA LEU A 301 8.52 27.59 -1.37
C LEU A 301 8.22 28.41 -0.13
N ASP A 302 9.23 29.14 0.38
CA ASP A 302 9.10 30.02 1.52
C ASP A 302 8.20 31.20 1.17
N ASP A 303 8.10 31.52 -0.13
CA ASP A 303 7.10 32.48 -0.61
C ASP A 303 5.74 31.78 -0.60
N PRO A 304 4.76 32.24 0.23
CA PRO A 304 3.44 31.61 0.32
C PRO A 304 2.71 31.41 -1.02
N ASP A 305 2.92 32.33 -1.97
CA ASP A 305 2.39 32.20 -3.32
C ASP A 305 2.88 30.92 -4.01
N ASN A 306 4.17 30.58 -3.80
CA ASN A 306 4.77 29.37 -4.37
C ASN A 306 4.39 28.16 -3.51
N PHE A 307 4.35 28.37 -2.19
CA PHE A 307 3.81 27.35 -1.28
C PHE A 307 2.44 26.89 -1.76
N LYS A 308 1.56 27.85 -2.09
CA LYS A 308 0.18 27.50 -2.43
C LYS A 308 0.12 26.44 -3.54
N THR A 309 0.94 26.60 -4.58
CA THR A 309 0.99 25.71 -5.74
C THR A 309 1.28 24.28 -5.27
N LYS A 310 2.26 24.13 -4.37
CA LYS A 310 2.61 22.83 -3.82
C LYS A 310 1.46 22.30 -2.97
N GLU A 311 0.88 23.18 -2.15
CA GLU A 311 -0.14 22.79 -1.18
C GLU A 311 -1.36 22.22 -1.90
N VAL A 312 -1.84 22.95 -2.93
CA VAL A 312 -3.01 22.51 -3.68
C VAL A 312 -2.78 21.09 -4.19
N SER A 313 -1.57 20.83 -4.73
CA SER A 313 -1.20 19.56 -5.32
C SER A 313 -1.20 18.46 -4.25
N LYS A 314 -0.50 18.70 -3.14
CA LYS A 314 -0.40 17.77 -2.02
C LYS A 314 -1.78 17.43 -1.44
N LEU A 315 -2.68 18.42 -1.34
CA LEU A 315 -4.00 18.22 -0.73
C LEU A 315 -4.90 17.31 -1.58
N SER A 316 -4.65 17.25 -2.89
CA SER A 316 -5.63 16.74 -3.84
C SER A 316 -5.69 15.21 -3.88
N VAL A 317 -4.79 14.48 -3.19
CA VAL A 317 -4.56 13.09 -3.55
C VAL A 317 -5.47 12.07 -2.84
N ILE A 318 -6.35 12.46 -1.89
CA ILE A 318 -7.07 11.44 -1.12
C ILE A 318 -8.55 11.34 -1.47
N ASP A 319 -9.16 12.43 -1.92
CA ASP A 319 -10.61 12.45 -2.12
C ASP A 319 -11.09 11.31 -3.01
N THR A 320 -10.45 11.15 -4.16
CA THR A 320 -10.90 10.16 -5.12
C THR A 320 -10.55 8.76 -4.62
N ILE A 321 -9.62 8.63 -3.68
CA ILE A 321 -9.34 7.32 -3.08
C ILE A 321 -10.47 6.96 -2.12
N PHE A 322 -10.81 7.89 -1.24
CA PHE A 322 -11.78 7.61 -0.19
C PHE A 322 -13.20 7.50 -0.78
N GLU A 323 -13.53 8.40 -1.72
CA GLU A 323 -14.87 8.56 -2.30
C GLU A 323 -15.86 8.84 -1.18
N PRO A 324 -15.84 10.04 -0.58
CA PRO A 324 -16.71 10.36 0.56
C PRO A 324 -18.21 10.23 0.32
N GLU A 325 -18.64 10.49 -0.92
CA GLU A 325 -20.05 10.40 -1.26
C GLU A 325 -20.53 8.95 -1.22
N LYS A 326 -19.64 7.98 -1.52
CA LYS A 326 -19.98 6.57 -1.50
C LYS A 326 -19.88 5.98 -0.11
N TYR A 327 -18.91 6.46 0.69
CA TYR A 327 -18.72 5.90 2.02
C TYR A 327 -18.81 7.00 3.06
N PRO A 328 -20.01 7.61 3.26
CA PRO A 328 -20.17 8.72 4.18
C PRO A 328 -19.81 8.36 5.63
N ASP A 329 -20.00 7.10 6.02
CA ASP A 329 -19.71 6.69 7.40
C ASP A 329 -18.22 6.51 7.65
N LEU A 330 -17.40 6.43 6.60
CA LEU A 330 -15.97 6.28 6.81
C LEU A 330 -15.25 7.62 6.57
N TYR A 331 -15.62 8.31 5.47
CA TYR A 331 -14.80 9.40 4.97
C TYR A 331 -15.65 10.65 4.77
N GLY A 332 -16.81 10.69 5.42
CA GLY A 332 -17.73 11.80 5.18
C GLY A 332 -17.17 13.12 5.73
N ASP A 333 -16.12 13.06 6.55
CA ASP A 333 -15.73 14.26 7.24
C ASP A 333 -14.23 14.22 7.55
N VAL A 334 -13.39 14.23 6.51
CA VAL A 334 -11.94 14.15 6.70
C VAL A 334 -11.38 15.57 6.79
N TYR A 335 -10.68 15.90 7.88
CA TYR A 335 -10.00 17.20 7.93
C TYR A 335 -8.56 16.99 7.46
N HIS A 336 -8.21 17.60 6.32
CA HIS A 336 -6.93 17.39 5.67
C HIS A 336 -6.14 18.69 5.63
N LYS A 337 -4.94 18.70 6.23
CA LYS A 337 -4.12 19.92 6.24
C LYS A 337 -2.66 19.58 5.97
N VAL A 338 -2.02 20.34 5.06
CA VAL A 338 -0.61 20.16 4.76
C VAL A 338 0.13 21.46 4.96
N ARG A 339 1.37 21.36 5.46
CA ARG A 339 2.26 22.49 5.72
C ARG A 339 3.66 22.16 5.21
N ILE A 340 4.36 23.18 4.70
CA ILE A 340 5.74 23.02 4.29
C ILE A 340 6.51 24.15 4.94
N ASN A 341 7.64 23.83 5.58
CA ASN A 341 8.35 24.83 6.35
C ASN A 341 9.80 24.90 5.90
N TYR A 342 10.23 26.11 5.51
CA TYR A 342 11.64 26.30 5.23
C TYR A 342 12.44 26.14 6.54
N TYR A 343 13.55 25.40 6.47
CA TYR A 343 14.31 24.99 7.64
C TYR A 343 15.73 24.65 7.19
N PRO A 344 16.62 25.66 7.11
CA PRO A 344 17.99 25.49 6.60
C PRO A 344 18.78 24.27 7.06
N PRO A 345 18.74 23.85 8.35
CA PRO A 345 19.42 22.64 8.79
C PRO A 345 19.15 21.35 8.00
N ARG A 346 17.98 21.24 7.37
CA ARG A 346 17.68 19.99 6.65
C ARG A 346 18.31 19.93 5.26
N LYS A 347 18.64 21.08 4.65
CA LYS A 347 19.21 21.16 3.30
C LYS A 347 18.32 20.46 2.26
N ASP A 348 18.89 19.52 1.47
CA ASP A 348 18.09 18.78 0.50
C ASP A 348 17.28 17.65 1.13
N ASN A 349 17.56 17.34 2.39
CA ASN A 349 16.98 16.16 3.02
C ASN A 349 15.66 16.47 3.72
N LYS A 350 14.60 16.79 2.95
CA LYS A 350 13.28 17.08 3.49
C LYS A 350 12.87 16.05 4.57
N GLU A 351 12.37 16.54 5.71
CA GLU A 351 11.86 15.66 6.75
C GLU A 351 10.36 15.88 6.89
N ALA A 352 9.60 14.78 6.79
CA ALA A 352 8.14 14.87 6.86
C ALA A 352 7.67 14.28 8.19
N TRP A 353 6.63 14.85 8.77
CA TRP A 353 5.92 14.25 9.88
C TRP A 353 4.44 14.28 9.54
N ASP A 354 3.77 13.12 9.72
CA ASP A 354 2.34 13.02 9.50
C ASP A 354 1.65 12.42 10.73
N ASN A 355 0.47 12.94 11.04
CA ASN A 355 -0.41 12.36 12.03
C ASN A 355 -1.74 12.06 11.34
N ILE A 356 -2.19 10.80 11.39
CA ILE A 356 -3.45 10.38 10.81
C ILE A 356 -4.35 9.89 11.94
N ASP A 357 -5.56 10.46 12.04
CA ASP A 357 -6.58 10.04 12.98
C ASP A 357 -7.54 9.13 12.22
N ILE A 358 -7.59 7.83 12.59
CA ILE A 358 -8.46 6.88 11.93
C ILE A 358 -9.44 6.34 12.98
N PHE A 359 -10.43 5.56 12.53
CA PHE A 359 -11.31 4.89 13.48
C PHE A 359 -11.70 3.52 12.92
N GLY A 360 -11.89 2.56 13.83
CA GLY A 360 -12.26 1.21 13.43
C GLY A 360 -13.65 0.85 13.94
N TRP A 361 -13.87 -0.47 14.10
CA TRP A 361 -15.05 -1.12 14.66
C TRP A 361 -15.71 -0.25 15.74
N MET A 362 -17.01 0.01 15.56
CA MET A 362 -17.84 0.65 16.59
C MET A 362 -17.40 2.09 16.77
N GLY A 363 -16.61 2.59 15.82
CA GLY A 363 -16.25 4.01 15.75
C GLY A 363 -15.06 4.37 16.65
N TYR A 364 -14.33 3.39 17.19
CA TYR A 364 -13.29 3.66 18.17
C TYR A 364 -12.05 4.23 17.50
N PRO A 365 -11.52 5.38 17.98
CA PRO A 365 -10.41 6.08 17.30
C PRO A 365 -9.01 5.53 17.57
N MET A 366 -8.09 5.74 16.62
CA MET A 366 -6.68 5.33 16.72
C MET A 366 -5.83 6.36 15.98
N GLU A 367 -4.51 6.31 16.16
CA GLU A 367 -3.62 7.31 15.57
C GLU A 367 -2.41 6.64 14.94
N ILE A 368 -1.99 7.13 13.76
CA ILE A 368 -0.76 6.67 13.12
C ILE A 368 0.16 7.89 12.93
N LYS A 369 1.42 7.77 13.40
CA LYS A 369 2.40 8.81 13.19
C LYS A 369 3.53 8.29 12.29
N VAL A 370 3.82 9.04 11.20
CA VAL A 370 4.88 8.68 10.26
C VAL A 370 5.92 9.82 10.20
N ASN A 371 7.18 9.44 10.39
CA ASN A 371 8.31 10.36 10.29
C ASN A 371 9.21 9.82 9.18
N PHE A 372 9.22 10.53 8.05
CA PHE A 372 9.93 10.09 6.87
C PHE A 372 11.11 11.04 6.66
N LEU A 373 12.32 10.54 6.90
CA LEU A 373 13.53 11.32 6.70
C LEU A 373 13.96 11.08 5.26
N CYS A 374 13.49 11.93 4.34
CA CYS A 374 13.70 11.78 2.91
C CYS A 374 15.08 12.30 2.50
N ARG A 375 15.57 11.84 1.35
CA ARG A 375 16.50 12.61 0.55
C ARG A 375 15.75 12.94 -0.73
N ASP A 376 15.19 14.15 -0.77
CA ASP A 376 14.20 14.50 -1.79
C ASP A 376 14.71 14.26 -3.20
N SER A 377 15.96 14.69 -3.48
CA SER A 377 16.46 14.63 -4.86
C SER A 377 16.82 13.20 -5.24
N ILE A 378 17.23 12.41 -4.24
CA ILE A 378 17.48 10.98 -4.42
C ILE A 378 16.18 10.29 -4.81
N LEU A 379 15.07 10.65 -4.14
CA LEU A 379 13.81 9.98 -4.47
C LEU A 379 13.30 10.40 -5.85
N ALA A 380 13.43 11.67 -6.19
CA ALA A 380 12.83 12.18 -7.41
C ALA A 380 13.68 11.89 -8.65
N ALA A 381 15.00 11.68 -8.51
CA ALA A 381 15.88 11.52 -9.66
C ALA A 381 15.40 10.37 -10.56
N PRO A 382 15.17 9.13 -10.07
CA PRO A 382 14.73 8.03 -10.95
C PRO A 382 13.33 8.29 -11.52
N ILE A 383 12.50 9.04 -10.79
CA ILE A 383 11.15 9.34 -11.26
C ILE A 383 11.26 10.24 -12.49
N ALA A 384 12.17 11.23 -12.45
CA ALA A 384 12.36 12.14 -13.56
C ALA A 384 12.90 11.36 -14.77
N LEU A 385 13.86 10.47 -14.52
CA LEU A 385 14.40 9.64 -15.59
C LEU A 385 13.29 8.80 -16.22
N ASP A 386 12.48 8.14 -15.38
CA ASP A 386 11.43 7.26 -15.88
C ASP A 386 10.43 8.05 -16.73
N LEU A 387 10.00 9.24 -16.28
CA LEU A 387 9.04 10.04 -17.03
C LEU A 387 9.62 10.44 -18.41
N VAL A 388 10.90 10.78 -18.42
CA VAL A 388 11.59 11.13 -19.66
C VAL A 388 11.61 9.91 -20.60
N LEU A 389 12.07 8.76 -20.12
CA LEU A 389 12.23 7.60 -21.00
C LEU A 389 10.88 7.07 -21.46
N PHE A 390 9.88 7.08 -20.55
CA PHE A 390 8.54 6.62 -20.92
C PHE A 390 7.84 7.60 -21.87
N SER A 391 8.17 8.90 -21.78
CA SER A 391 7.61 9.91 -22.66
C SER A 391 8.13 9.69 -24.08
N ASP A 392 9.44 9.40 -24.19
CA ASP A 392 10.07 9.12 -25.46
C ASP A 392 9.43 7.87 -26.07
N LEU A 393 9.18 6.84 -25.25
CA LEU A 393 8.55 5.62 -25.71
C LEU A 393 7.13 5.92 -26.20
N ALA A 394 6.38 6.70 -25.40
CA ALA A 394 5.00 7.03 -25.74
C ALA A 394 4.93 7.62 -27.14
N MET A 395 5.87 8.52 -27.47
CA MET A 395 5.78 9.15 -28.78
C MET A 395 6.10 8.15 -29.89
N ARG A 396 7.10 7.29 -29.66
CA ARG A 396 7.49 6.34 -30.69
C ARG A 396 6.39 5.30 -30.85
N ALA A 397 5.53 5.20 -29.84
CA ALA A 397 4.43 4.24 -29.91
C ALA A 397 3.16 4.89 -30.47
N GLY A 398 3.28 6.15 -30.91
CA GLY A 398 2.16 6.82 -31.56
C GLY A 398 1.17 7.48 -30.59
N MET A 399 1.57 7.68 -29.31
CA MET A 399 0.67 8.24 -28.30
C MET A 399 0.87 9.75 -28.22
N CYS A 400 -0.18 10.49 -27.85
CA CYS A 400 -0.11 11.95 -27.82
C CYS A 400 -1.12 12.49 -26.82
N GLY A 401 -1.07 13.80 -26.54
CA GLY A 401 -1.92 14.34 -25.49
C GLY A 401 -1.55 13.79 -24.11
N ILE A 402 -2.53 13.83 -23.21
CA ILE A 402 -2.30 13.57 -21.80
C ILE A 402 -1.93 12.10 -21.65
N GLN A 403 -0.76 11.83 -21.05
CA GLN A 403 -0.34 10.46 -20.80
C GLN A 403 -0.86 9.99 -19.45
N THR A 404 -2.15 9.61 -19.41
CA THR A 404 -2.83 9.09 -18.23
C THR A 404 -2.04 7.95 -17.58
N TRP A 405 -1.44 7.09 -18.41
CA TRP A 405 -0.74 5.91 -17.93
C TRP A 405 0.48 6.24 -17.06
N LEU A 406 0.96 7.49 -17.11
CA LEU A 406 2.11 7.88 -16.29
C LEU A 406 1.71 8.52 -14.95
N SER A 407 0.43 8.41 -14.57
CA SER A 407 -0.09 8.98 -13.33
C SER A 407 0.73 8.53 -12.12
N PHE A 408 1.20 7.27 -12.14
CA PHE A 408 2.05 6.65 -11.14
C PHE A 408 3.17 7.56 -10.60
N PHE A 409 3.72 8.42 -11.46
CA PHE A 409 4.94 9.15 -11.14
C PHE A 409 4.63 10.53 -10.54
N CYS A 410 3.35 10.89 -10.42
CA CYS A 410 2.96 12.29 -10.28
C CYS A 410 2.02 12.50 -9.08
N LYS A 411 2.16 13.65 -8.39
CA LYS A 411 1.27 14.00 -7.30
C LYS A 411 -0.10 14.43 -7.83
N SER A 412 -0.10 15.16 -8.95
CA SER A 412 -1.34 15.68 -9.53
C SER A 412 -1.47 15.15 -10.95
N PRO A 413 -1.94 13.89 -11.15
CA PRO A 413 -2.00 13.30 -12.49
C PRO A 413 -2.87 14.19 -13.38
N MET A 414 -2.32 14.61 -14.52
CA MET A 414 -3.02 15.49 -15.43
C MET A 414 -4.26 14.78 -15.96
N HIS A 415 -5.35 15.55 -16.16
CA HIS A 415 -6.58 14.96 -16.66
C HIS A 415 -7.39 16.07 -17.31
N ASP A 416 -8.16 15.70 -18.34
CA ASP A 416 -9.06 16.67 -18.95
C ASP A 416 -10.36 16.77 -18.14
N PHE A 417 -11.29 17.60 -18.62
CA PHE A 417 -12.53 17.89 -17.88
C PHE A 417 -13.51 16.73 -17.93
N GLU A 418 -13.20 15.68 -18.69
CA GLU A 418 -14.07 14.52 -18.72
C GLU A 418 -13.46 13.32 -18.00
N HIS A 419 -12.36 13.51 -17.24
CA HIS A 419 -11.72 12.39 -16.57
C HIS A 419 -11.34 12.78 -15.15
N GLN A 420 -11.32 11.80 -14.23
CA GLN A 420 -10.85 12.04 -12.87
C GLN A 420 -9.45 11.47 -12.69
N PRO A 421 -8.57 12.11 -11.87
CA PRO A 421 -7.25 11.55 -11.59
C PRO A 421 -7.40 10.28 -10.76
N GLU A 422 -6.54 9.29 -11.06
CA GLU A 422 -6.44 8.12 -10.21
C GLU A 422 -5.18 8.30 -9.33
N HIS A 423 -5.32 8.14 -8.01
CA HIS A 423 -4.22 8.47 -7.11
C HIS A 423 -3.65 7.22 -6.41
N ASP A 424 -4.39 6.11 -6.38
CA ASP A 424 -3.97 4.94 -5.64
C ASP A 424 -2.70 4.37 -6.28
N LEU A 425 -1.58 4.34 -5.55
CA LEU A 425 -0.30 3.94 -6.14
C LEU A 425 -0.40 2.59 -6.83
N PHE A 426 -1.12 1.67 -6.21
CA PHE A 426 -1.16 0.28 -6.65
C PHE A 426 -1.97 0.16 -7.94
N THR A 427 -3.08 0.92 -7.99
CA THR A 427 -3.87 1.01 -9.20
C THR A 427 -3.07 1.71 -10.29
N GLN A 428 -2.31 2.75 -9.89
CA GLN A 428 -1.48 3.50 -10.83
C GLN A 428 -0.44 2.56 -11.45
N TRP A 429 0.13 1.67 -10.64
CA TRP A 429 1.15 0.75 -11.17
C TRP A 429 0.51 -0.19 -12.20
N ARG A 430 -0.70 -0.66 -11.90
CA ARG A 430 -1.43 -1.51 -12.83
CA ARG A 430 -1.43 -1.51 -12.83
C ARG A 430 -1.69 -0.77 -14.14
N MET A 431 -1.96 0.55 -14.07
CA MET A 431 -2.14 1.33 -15.28
C MET A 431 -0.86 1.36 -16.11
N VAL A 432 0.31 1.50 -15.46
CA VAL A 432 1.58 1.44 -16.17
C VAL A 432 1.71 0.11 -16.91
N LYS A 433 1.53 -1.00 -16.20
CA LYS A 433 1.69 -2.33 -16.79
C LYS A 433 0.71 -2.55 -17.94
N GLN A 434 -0.54 -2.14 -17.75
CA GLN A 434 -1.58 -2.32 -18.75
C GLN A 434 -1.22 -1.64 -20.07
N THR A 435 -0.78 -0.37 -20.01
CA THR A 435 -0.39 0.33 -21.22
C THR A 435 0.82 -0.34 -21.87
N LEU A 436 1.80 -0.77 -21.05
CA LEU A 436 2.99 -1.37 -21.60
C LEU A 436 2.63 -2.67 -22.35
N ARG A 437 1.79 -3.50 -21.73
CA ARG A 437 1.35 -4.76 -22.34
C ARG A 437 0.57 -4.45 -23.62
N ASN A 438 -0.37 -3.49 -23.55
CA ASN A 438 -1.19 -3.08 -24.69
C ASN A 438 -0.29 -2.66 -25.85
N MET A 439 0.83 -2.00 -25.56
CA MET A 439 1.71 -1.48 -26.58
C MET A 439 2.24 -2.60 -27.46
N ILE A 440 2.33 -3.81 -26.92
CA ILE A 440 2.88 -4.91 -27.70
C ILE A 440 1.76 -5.94 -27.97
N GLY A 441 0.50 -5.50 -27.82
CA GLY A 441 -0.68 -6.32 -28.08
C GLY A 441 -0.84 -7.53 -27.15
N GLU A 442 -0.44 -7.40 -25.88
CA GLU A 442 -0.58 -8.46 -24.88
C GLU A 442 -1.57 -8.06 -23.79
N LYS A 443 -2.12 -9.09 -23.11
CA LYS A 443 -2.93 -8.98 -21.91
C LYS A 443 -2.13 -9.55 -20.73
N GLU A 444 -2.53 -9.15 -19.52
CA GLU A 444 -1.97 -9.73 -18.30
C GLU A 444 -2.16 -11.25 -18.36
N PRO A 445 -1.23 -12.07 -17.83
CA PRO A 445 -1.44 -13.52 -17.81
C PRO A 445 -2.60 -13.94 -16.91
N ASP A 446 -2.87 -13.16 -15.85
CA ASP A 446 -4.02 -13.38 -14.97
C ASP A 446 -4.25 -12.13 -14.13
N TYR A 447 -5.40 -12.08 -13.47
CA TYR A 447 -5.89 -10.95 -12.69
C TYR A 447 -4.88 -10.49 -11.63
N LEU A 448 -4.06 -11.43 -11.12
CA LEU A 448 -3.20 -11.11 -10.00
C LEU A 448 -1.87 -10.52 -10.48
N ALA A 449 -1.59 -10.60 -11.78
CA ALA A 449 -0.31 -10.14 -12.32
C ALA A 449 -0.38 -8.64 -12.62
N GLU B 24 -23.48 -23.83 -7.68
CA GLU B 24 -24.65 -23.79 -6.75
C GLU B 24 -24.16 -23.53 -5.33
N ILE B 25 -24.51 -22.37 -4.76
CA ILE B 25 -24.18 -22.06 -3.38
C ILE B 25 -25.40 -22.31 -2.51
N LYS B 26 -25.27 -23.19 -1.53
CA LYS B 26 -26.37 -23.42 -0.59
C LYS B 26 -26.73 -22.13 0.13
N PRO B 27 -28.04 -21.78 0.23
CA PRO B 27 -28.47 -20.54 0.87
C PRO B 27 -28.20 -20.54 2.37
N ALA B 28 -28.15 -19.33 2.96
CA ALA B 28 -27.85 -19.16 4.37
C ALA B 28 -29.17 -19.14 5.14
N THR B 29 -29.74 -20.32 5.36
CA THR B 29 -31.03 -20.38 6.04
C THR B 29 -30.80 -20.76 7.50
N GLY B 30 -31.73 -20.33 8.37
CA GLY B 30 -31.70 -20.74 9.76
C GLY B 30 -30.56 -20.05 10.50
N ARG B 31 -30.19 -20.59 11.67
CA ARG B 31 -29.23 -19.91 12.52
C ARG B 31 -27.83 -20.51 12.36
N LEU B 32 -26.80 -19.66 12.43
CA LEU B 32 -25.40 -20.07 12.45
C LEU B 32 -24.88 -19.98 13.88
N GLY B 33 -24.46 -21.11 14.44
CA GLY B 33 -23.71 -21.12 15.68
C GLY B 33 -22.24 -20.76 15.43
N VAL B 34 -21.79 -19.73 16.13
CA VAL B 34 -20.41 -19.27 16.06
C VAL B 34 -19.80 -19.58 17.42
N LEU B 35 -19.04 -20.69 17.46
CA LEU B 35 -18.45 -21.21 18.68
C LEU B 35 -16.99 -20.75 18.76
N VAL B 36 -16.69 -19.93 19.78
CA VAL B 36 -15.40 -19.25 19.87
C VAL B 36 -14.59 -19.87 21.01
N VAL B 37 -13.40 -20.37 20.68
CA VAL B 37 -12.46 -20.77 21.69
C VAL B 37 -11.84 -19.48 22.23
N GLY B 38 -11.95 -19.27 23.55
CA GLY B 38 -11.57 -18.01 24.16
C GLY B 38 -12.71 -16.98 24.07
N VAL B 39 -13.94 -17.45 24.25
CA VAL B 39 -15.13 -16.61 24.09
C VAL B 39 -15.13 -15.51 25.14
N GLY B 40 -14.37 -15.70 26.23
CA GLY B 40 -14.24 -14.66 27.23
C GLY B 40 -13.08 -13.68 27.00
N GLY B 41 -12.45 -13.73 25.81
CA GLY B 41 -11.25 -12.92 25.58
C GLY B 41 -11.59 -11.54 25.02
N ALA B 42 -10.57 -10.68 24.92
CA ALA B 42 -10.73 -9.30 24.46
C ALA B 42 -11.26 -9.26 23.03
N VAL B 43 -10.62 -10.00 22.10
CA VAL B 43 -11.06 -9.97 20.71
C VAL B 43 -12.47 -10.58 20.60
N ALA B 44 -12.68 -11.76 21.23
CA ALA B 44 -13.97 -12.45 21.11
C ALA B 44 -15.13 -11.57 21.60
N THR B 45 -14.98 -10.98 22.80
CA THR B 45 -16.06 -10.17 23.35
C THR B 45 -16.29 -8.91 22.51
N THR B 46 -15.22 -8.34 21.94
CA THR B 46 -15.36 -7.14 21.13
C THR B 46 -16.14 -7.43 19.85
N MET B 47 -15.82 -8.58 19.23
CA MET B 47 -16.53 -9.00 18.03
C MET B 47 -18.00 -9.21 18.40
N ILE B 48 -18.24 -9.92 19.52
CA ILE B 48 -19.59 -10.25 19.98
C ILE B 48 -20.38 -8.96 20.23
N VAL B 49 -19.83 -8.02 21.01
CA VAL B 49 -20.55 -6.81 21.38
C VAL B 49 -20.90 -6.04 20.11
N GLY B 50 -19.93 -5.90 19.22
CA GLY B 50 -20.09 -5.14 18.01
C GLY B 50 -21.16 -5.75 17.08
N THR B 51 -21.22 -7.06 17.06
CA THR B 51 -22.19 -7.74 16.20
C THR B 51 -23.60 -7.51 16.76
N LEU B 52 -23.77 -7.69 18.07
CA LEU B 52 -25.07 -7.52 18.73
C LEU B 52 -25.56 -6.08 18.58
N ALA B 53 -24.65 -5.11 18.76
CA ALA B 53 -24.98 -3.69 18.68
C ALA B 53 -25.28 -3.31 17.25
N SER B 54 -24.44 -3.76 16.31
CA SER B 54 -24.62 -3.44 14.91
C SER B 54 -25.99 -3.88 14.44
N ARG B 55 -26.36 -5.14 14.73
CA ARG B 55 -27.62 -5.69 14.22
C ARG B 55 -28.84 -4.96 14.81
N LYS B 56 -28.67 -4.29 15.95
CA LYS B 56 -29.71 -3.51 16.60
C LYS B 56 -29.59 -2.01 16.26
N GLY B 57 -28.65 -1.64 15.38
CA GLY B 57 -28.52 -0.24 14.96
C GLY B 57 -27.92 0.67 16.03
N LEU B 58 -27.19 0.11 17.01
CA LEU B 58 -26.57 0.90 18.06
C LEU B 58 -25.08 1.14 17.79
N ALA B 59 -24.56 0.60 16.67
CA ALA B 59 -23.18 0.81 16.29
C ALA B 59 -23.01 0.41 14.84
N LYS B 60 -21.85 0.74 14.25
CA LYS B 60 -21.56 0.43 12.86
C LYS B 60 -20.39 -0.54 12.80
N PRO B 61 -20.45 -1.57 11.93
CA PRO B 61 -19.38 -2.58 11.85
C PRO B 61 -18.19 -2.13 10.97
N ILE B 62 -17.60 -0.98 11.34
CA ILE B 62 -16.44 -0.40 10.67
C ILE B 62 -15.33 -1.45 10.60
N GLY B 63 -14.62 -1.56 9.49
CA GLY B 63 -13.55 -2.54 9.44
C GLY B 63 -14.00 -3.90 8.88
N SER B 64 -15.32 -4.11 8.74
CA SER B 64 -15.84 -5.40 8.26
C SER B 64 -15.98 -5.40 6.74
N ILE B 65 -15.21 -6.28 6.05
CA ILE B 65 -15.35 -6.44 4.61
C ILE B 65 -16.76 -6.99 4.30
N THR B 66 -17.20 -7.98 5.07
CA THR B 66 -18.47 -8.66 4.79
C THR B 66 -19.62 -7.67 4.90
N GLN B 67 -19.56 -6.76 5.87
CA GLN B 67 -20.69 -5.87 6.14
C GLN B 67 -20.67 -4.63 5.26
N LEU B 68 -19.48 -4.14 4.88
CA LEU B 68 -19.38 -2.79 4.34
C LEU B 68 -18.73 -2.73 2.96
N ALA B 69 -17.89 -3.71 2.59
CA ALA B 69 -17.13 -3.53 1.35
C ALA B 69 -17.98 -3.83 0.12
N THR B 70 -17.63 -3.16 -0.98
CA THR B 70 -18.28 -3.32 -2.27
C THR B 70 -17.23 -3.79 -3.29
N MET B 71 -17.71 -4.12 -4.49
CA MET B 71 -16.93 -4.71 -5.56
C MET B 71 -17.59 -4.24 -6.84
N ARG B 72 -16.82 -4.07 -7.92
CA ARG B 72 -17.40 -3.85 -9.24
C ARG B 72 -17.65 -5.19 -9.92
N MET B 73 -18.86 -5.41 -10.42
CA MET B 73 -19.24 -6.70 -10.98
C MET B 73 -18.99 -6.72 -12.49
N GLU B 74 -19.23 -7.87 -13.12
CA GLU B 74 -18.92 -8.10 -14.53
C GLU B 74 -19.58 -7.06 -15.43
N ASN B 75 -20.80 -6.67 -15.09
CA ASN B 75 -21.51 -5.68 -15.88
C ASN B 75 -21.17 -4.28 -15.38
N ASN B 76 -20.18 -4.17 -14.50
CA ASN B 76 -19.65 -2.87 -14.09
C ASN B 76 -20.50 -2.21 -13.02
N GLU B 77 -21.56 -2.87 -12.53
CA GLU B 77 -22.30 -2.34 -11.41
C GLU B 77 -21.47 -2.53 -10.15
N GLU B 78 -21.54 -1.55 -9.24
CA GLU B 78 -20.89 -1.64 -7.95
C GLU B 78 -21.91 -2.16 -6.93
N LYS B 79 -21.58 -3.26 -6.23
CA LYS B 79 -22.50 -3.80 -5.24
C LYS B 79 -21.74 -4.14 -3.95
N LEU B 80 -22.46 -4.10 -2.82
CA LEU B 80 -21.98 -4.66 -1.56
C LEU B 80 -21.72 -6.16 -1.76
N ILE B 81 -20.61 -6.63 -1.17
CA ILE B 81 -20.27 -8.05 -1.26
C ILE B 81 -21.44 -8.87 -0.71
N LYS B 82 -22.06 -8.36 0.37
CA LYS B 82 -23.14 -9.11 1.02
C LYS B 82 -24.38 -9.21 0.12
N ASP B 83 -24.43 -8.41 -0.96
CA ASP B 83 -25.53 -8.46 -1.91
C ASP B 83 -25.13 -9.28 -3.15
N VAL B 84 -23.89 -9.75 -3.19
CA VAL B 84 -23.42 -10.50 -4.34
C VAL B 84 -23.38 -12.01 -4.04
N VAL B 85 -23.05 -12.35 -2.79
CA VAL B 85 -23.03 -13.74 -2.34
C VAL B 85 -23.91 -13.86 -1.11
N PRO B 86 -24.51 -15.04 -0.84
CA PRO B 86 -25.39 -15.21 0.31
C PRO B 86 -24.63 -15.47 1.60
N LEU B 87 -24.61 -14.45 2.47
CA LEU B 87 -23.94 -14.58 3.76
C LEU B 87 -25.00 -14.76 4.85
N THR B 88 -24.59 -15.30 5.99
CA THR B 88 -25.46 -15.31 7.15
C THR B 88 -25.68 -13.86 7.60
N ASP B 89 -26.95 -13.52 7.76
CA ASP B 89 -27.39 -12.24 8.30
C ASP B 89 -26.96 -12.16 9.76
N LEU B 90 -26.57 -10.98 10.24
CA LEU B 90 -26.09 -10.82 11.60
C LEU B 90 -27.12 -11.32 12.60
N ASN B 91 -28.41 -11.12 12.27
CA ASN B 91 -29.52 -11.47 13.13
C ASN B 91 -29.62 -12.98 13.30
N ASP B 92 -29.02 -13.76 12.39
CA ASP B 92 -29.09 -15.20 12.44
C ASP B 92 -27.88 -15.84 13.14
N ILE B 93 -27.01 -15.04 13.74
CA ILE B 93 -25.85 -15.56 14.44
C ILE B 93 -26.22 -15.84 15.89
N VAL B 94 -25.81 -17.01 16.43
CA VAL B 94 -25.83 -17.24 17.86
C VAL B 94 -24.41 -17.53 18.33
N PHE B 95 -23.95 -16.79 19.35
CA PHE B 95 -22.59 -16.95 19.86
C PHE B 95 -22.57 -17.91 21.04
N GLY B 96 -21.49 -18.70 21.12
CA GLY B 96 -21.11 -19.40 22.33
C GLY B 96 -19.64 -19.79 22.27
N GLY B 97 -19.18 -20.65 23.18
CA GLY B 97 -17.78 -21.05 23.11
C GLY B 97 -17.22 -21.52 24.43
N TRP B 98 -15.88 -21.54 24.52
CA TRP B 98 -15.16 -22.09 25.65
C TRP B 98 -14.21 -21.04 26.20
N ASP B 99 -13.90 -21.12 27.50
CA ASP B 99 -12.84 -20.31 28.11
C ASP B 99 -12.40 -20.97 29.41
N ILE B 100 -11.20 -20.64 29.89
CA ILE B 100 -10.74 -21.17 31.17
C ILE B 100 -11.20 -20.28 32.33
N PHE B 101 -11.81 -19.13 31.99
CA PHE B 101 -12.42 -18.28 33.00
C PHE B 101 -13.92 -18.38 32.80
N PRO B 102 -14.72 -18.56 33.87
CA PRO B 102 -16.15 -18.81 33.73
C PRO B 102 -17.01 -17.57 33.48
N ASP B 103 -16.43 -16.37 33.53
CA ASP B 103 -17.18 -15.13 33.43
C ASP B 103 -17.99 -15.12 32.13
N ASN B 104 -19.24 -14.66 32.21
CA ASN B 104 -20.10 -14.42 31.06
C ASN B 104 -19.52 -13.29 30.19
N ALA B 105 -20.09 -13.11 28.98
CA ALA B 105 -19.51 -12.21 27.99
C ALA B 105 -19.55 -10.77 28.47
N TYR B 106 -20.57 -10.44 29.29
CA TYR B 106 -20.63 -9.10 29.86
C TYR B 106 -19.48 -8.87 30.84
N GLU B 107 -19.32 -9.80 31.80
CA GLU B 107 -18.27 -9.70 32.81
C GLU B 107 -16.91 -9.70 32.12
N ALA B 108 -16.74 -10.55 31.09
CA ALA B 108 -15.47 -10.65 30.40
C ALA B 108 -15.17 -9.38 29.60
N ALA B 109 -16.20 -8.75 28.99
CA ALA B 109 -16.02 -7.50 28.27
C ALA B 109 -15.64 -6.36 29.21
N MET B 110 -16.24 -6.34 30.40
CA MET B 110 -15.93 -5.36 31.42
C MET B 110 -14.48 -5.53 31.87
N TYR B 111 -14.02 -6.79 31.99
CA TYR B 111 -12.65 -7.04 32.39
C TYR B 111 -11.66 -6.55 31.31
N ALA B 112 -12.03 -6.73 30.03
CA ALA B 112 -11.07 -6.50 28.96
C ALA B 112 -10.81 -5.01 28.81
N GLU B 113 -11.83 -4.18 29.13
CA GLU B 113 -11.73 -2.73 29.10
C GLU B 113 -11.45 -2.19 27.69
N VAL B 114 -11.93 -2.90 26.66
CA VAL B 114 -11.79 -2.40 25.30
C VAL B 114 -12.88 -1.36 25.01
N LEU B 115 -14.11 -1.65 25.44
CA LEU B 115 -15.30 -0.91 25.03
C LEU B 115 -15.85 -0.14 26.22
N LYS B 116 -16.45 1.02 25.95
CA LYS B 116 -17.09 1.84 26.97
C LYS B 116 -18.30 1.11 27.53
N GLU B 117 -18.62 1.38 28.81
CA GLU B 117 -19.76 0.76 29.46
C GLU B 117 -21.06 1.09 28.73
N LYS B 118 -21.16 2.28 28.13
CA LYS B 118 -22.38 2.65 27.44
C LYS B 118 -22.62 1.72 26.25
N ASP B 119 -21.53 1.20 25.66
CA ASP B 119 -21.65 0.27 24.55
C ASP B 119 -22.06 -1.10 25.07
N LEU B 120 -21.47 -1.51 26.18
CA LEU B 120 -21.82 -2.82 26.73
C LEU B 120 -23.27 -2.77 27.22
N ASN B 121 -23.69 -1.63 27.80
CA ASN B 121 -24.99 -1.55 28.45
C ASN B 121 -26.13 -1.79 27.47
N GLY B 122 -25.97 -1.29 26.25
CA GLY B 122 -27.00 -1.40 25.22
C GLY B 122 -27.37 -2.84 24.86
N VAL B 123 -26.48 -3.80 25.14
CA VAL B 123 -26.71 -5.20 24.77
C VAL B 123 -26.44 -6.14 25.97
N LYS B 124 -26.54 -5.57 27.19
CA LYS B 124 -26.16 -6.28 28.41
C LYS B 124 -26.86 -7.63 28.54
N ASP B 125 -28.19 -7.64 28.32
CA ASP B 125 -28.97 -8.86 28.51
C ASP B 125 -28.45 -9.98 27.62
N GLU B 126 -28.18 -9.67 26.34
CA GLU B 126 -27.69 -10.71 25.44
C GLU B 126 -26.28 -11.15 25.84
N LEU B 127 -25.44 -10.20 26.29
CA LEU B 127 -24.07 -10.54 26.64
C LEU B 127 -24.03 -11.48 27.83
N GLU B 128 -24.87 -11.19 28.84
CA GLU B 128 -24.89 -11.93 30.09
C GLU B 128 -25.35 -13.37 29.86
N ALA B 129 -26.14 -13.57 28.80
CA ALA B 129 -26.61 -14.90 28.46
C ALA B 129 -25.57 -15.72 27.71
N ILE B 130 -24.44 -15.11 27.29
CA ILE B 130 -23.39 -15.88 26.65
C ILE B 130 -22.42 -16.36 27.71
N LYS B 131 -22.38 -17.69 27.96
CA LYS B 131 -21.61 -18.23 29.07
C LYS B 131 -20.62 -19.27 28.54
N PRO B 132 -19.34 -19.21 28.94
CA PRO B 132 -18.35 -20.15 28.41
C PRO B 132 -18.53 -21.55 28.99
N MET B 133 -18.48 -22.55 28.10
CA MET B 133 -18.31 -23.95 28.47
C MET B 133 -16.88 -24.16 28.97
N PRO B 134 -16.64 -25.13 29.88
CA PRO B 134 -15.29 -25.44 30.33
C PRO B 134 -14.36 -25.84 29.17
N ALA B 135 -13.11 -25.41 29.27
CA ALA B 135 -12.15 -25.50 28.17
C ALA B 135 -11.36 -26.80 28.24
N ALA B 136 -10.94 -27.26 27.08
CA ALA B 136 -9.84 -28.18 26.97
C ALA B 136 -8.57 -27.34 27.04
N PHE B 137 -7.86 -27.49 28.16
CA PHE B 137 -6.73 -26.64 28.48
C PHE B 137 -5.59 -27.48 29.06
N ASP B 138 -4.37 -27.07 28.74
CA ASP B 138 -3.16 -27.65 29.27
C ASP B 138 -2.30 -26.47 29.77
N HIS B 139 -2.17 -26.33 31.09
CA HIS B 139 -1.43 -25.23 31.71
C HIS B 139 -0.07 -25.03 31.02
N ASN B 140 0.59 -26.13 30.62
CA ASN B 140 1.93 -26.09 30.05
C ASN B 140 1.99 -25.31 28.74
N TRP B 141 0.85 -25.16 28.05
CA TRP B 141 0.81 -24.49 26.76
C TRP B 141 0.56 -22.98 26.86
N ALA B 142 0.11 -22.54 28.05
CA ALA B 142 -0.11 -21.13 28.30
C ALA B 142 0.05 -20.86 29.79
N LYS B 143 1.32 -20.87 30.24
CA LYS B 143 1.72 -21.00 31.64
C LYS B 143 1.27 -19.81 32.48
N ARG B 144 1.20 -18.62 31.87
CA ARG B 144 0.91 -17.39 32.62
C ARG B 144 -0.58 -17.23 32.90
N LEU B 145 -1.44 -18.15 32.42
CA LEU B 145 -2.87 -18.10 32.73
C LEU B 145 -3.21 -19.09 33.84
N ASN B 146 -4.05 -18.65 34.79
CA ASN B 146 -4.47 -19.56 35.85
C ASN B 146 -5.98 -19.44 36.08
N GLY B 147 -6.76 -19.70 35.03
CA GLY B 147 -8.18 -19.94 35.15
C GLY B 147 -8.43 -21.42 35.44
N THR B 148 -9.62 -21.72 35.97
CA THR B 148 -9.93 -23.06 36.43
C THR B 148 -11.22 -23.59 35.83
N HIS B 149 -11.83 -22.85 34.87
CA HIS B 149 -13.01 -23.36 34.18
C HIS B 149 -12.58 -24.31 33.08
N ILE B 150 -12.00 -25.45 33.48
CA ILE B 150 -11.33 -26.38 32.58
C ILE B 150 -11.95 -27.77 32.71
N LYS B 151 -12.02 -28.51 31.60
CA LYS B 151 -12.56 -29.86 31.61
C LYS B 151 -11.59 -30.75 32.37
N LYS B 152 -12.09 -31.85 32.96
CA LYS B 152 -11.19 -32.89 33.42
C LYS B 152 -11.16 -33.97 32.35
N ALA B 153 -10.00 -34.13 31.70
CA ALA B 153 -9.94 -34.98 30.52
C ALA B 153 -8.65 -35.76 30.54
N ALA B 154 -8.77 -37.09 30.61
CA ALA B 154 -7.62 -37.97 30.78
C ALA B 154 -6.64 -37.83 29.62
N THR B 155 -7.16 -37.68 28.39
CA THR B 155 -6.27 -37.75 27.24
C THR B 155 -6.64 -36.67 26.22
N ARG B 156 -5.70 -36.40 25.32
CA ARG B 156 -5.97 -35.54 24.18
C ARG B 156 -7.21 -36.09 23.47
N TRP B 157 -7.31 -37.43 23.35
CA TRP B 157 -8.42 -37.98 22.60
C TRP B 157 -9.75 -37.72 23.30
N GLU B 158 -9.73 -37.73 24.65
CA GLU B 158 -10.95 -37.48 25.41
C GLU B 158 -11.35 -36.01 25.30
N MET B 159 -10.37 -35.12 25.24
CA MET B 159 -10.63 -33.72 24.91
C MET B 159 -11.41 -33.66 23.60
N VAL B 160 -10.92 -34.34 22.55
CA VAL B 160 -11.60 -34.33 21.27
C VAL B 160 -13.07 -34.74 21.44
N GLU B 161 -13.30 -35.83 22.17
CA GLU B 161 -14.63 -36.38 22.22
C GLU B 161 -15.56 -35.45 23.00
N GLN B 162 -15.06 -34.82 24.06
CA GLN B 162 -15.86 -33.90 24.87
C GLN B 162 -16.21 -32.65 24.05
N LEU B 163 -15.26 -32.19 23.24
CA LEU B 163 -15.47 -31.01 22.42
C LEU B 163 -16.50 -31.30 21.33
N ARG B 164 -16.47 -32.50 20.75
CA ARG B 164 -17.47 -32.85 19.74
C ARG B 164 -18.86 -32.88 20.38
N GLN B 165 -18.94 -33.44 21.59
CA GLN B 165 -20.18 -33.46 22.37
C GLN B 165 -20.71 -32.04 22.58
N ASP B 166 -19.85 -31.10 22.99
CA ASP B 166 -20.23 -29.70 23.24
C ASP B 166 -20.78 -29.08 21.96
N ILE B 167 -20.11 -29.32 20.83
CA ILE B 167 -20.59 -28.78 19.55
C ILE B 167 -22.00 -29.31 19.27
N ARG B 168 -22.17 -30.64 19.40
CA ARG B 168 -23.45 -31.27 19.14
C ARG B 168 -24.51 -30.70 20.09
N ASP B 169 -24.18 -30.59 21.39
CA ASP B 169 -25.11 -30.06 22.37
C ASP B 169 -25.56 -28.64 22.01
N PHE B 170 -24.59 -27.81 21.61
CA PHE B 170 -24.85 -26.39 21.34
C PHE B 170 -25.76 -26.26 20.11
N LYS B 171 -25.46 -27.01 19.06
CA LYS B 171 -26.24 -26.95 17.83
C LYS B 171 -27.72 -27.29 18.14
N ALA B 172 -27.95 -28.36 18.91
CA ALA B 172 -29.27 -28.83 19.27
C ALA B 172 -29.99 -27.82 20.18
N ALA B 173 -29.31 -27.32 21.24
CA ALA B 173 -29.90 -26.41 22.20
C ALA B 173 -30.26 -25.07 21.56
N ASN B 174 -29.54 -24.65 20.51
CA ASN B 174 -29.76 -23.31 20.00
C ASN B 174 -30.41 -23.35 18.63
N ASN B 175 -30.72 -24.57 18.18
CA ASN B 175 -31.43 -24.73 16.91
C ASN B 175 -30.60 -24.07 15.78
N CYS B 176 -29.31 -24.45 15.69
CA CYS B 176 -28.45 -23.98 14.62
C CYS B 176 -28.47 -24.96 13.46
N GLU B 177 -28.63 -24.43 12.26
CA GLU B 177 -28.48 -25.22 11.05
C GLU B 177 -27.01 -25.59 10.83
N ARG B 178 -26.08 -24.65 11.05
CA ARG B 178 -24.66 -24.82 10.75
C ARG B 178 -23.84 -24.24 11.92
N VAL B 179 -22.56 -24.62 12.02
CA VAL B 179 -21.64 -24.12 13.02
C VAL B 179 -20.34 -23.72 12.32
N VAL B 180 -19.63 -22.73 12.91
CA VAL B 180 -18.25 -22.40 12.61
C VAL B 180 -17.52 -22.35 13.95
N VAL B 181 -16.30 -22.90 13.97
CA VAL B 181 -15.47 -22.80 15.17
C VAL B 181 -14.33 -21.84 14.91
N LEU B 182 -14.24 -20.78 15.74
CA LEU B 182 -13.20 -19.75 15.67
C LEU B 182 -12.31 -19.89 16.89
N TRP B 183 -11.01 -20.14 16.66
CA TRP B 183 -10.04 -20.07 17.73
C TRP B 183 -9.65 -18.61 17.88
N ALA B 184 -10.09 -18.02 18.98
CA ALA B 184 -9.67 -16.67 19.33
C ALA B 184 -9.06 -16.71 20.72
N ALA B 185 -8.38 -17.83 21.04
CA ALA B 185 -7.82 -18.02 22.38
C ALA B 185 -6.33 -17.71 22.35
N SER B 186 -5.67 -17.93 23.48
CA SER B 186 -4.30 -17.47 23.70
C SER B 186 -3.32 -18.16 22.73
N THR B 187 -2.29 -17.43 22.30
CA THR B 187 -1.17 -17.98 21.59
C THR B 187 -0.48 -19.06 22.43
N GLU B 188 -0.34 -20.27 21.87
CA GLU B 188 0.27 -21.42 22.52
C GLU B 188 1.79 -21.38 22.36
N ILE B 189 2.48 -22.21 23.16
CA ILE B 189 3.93 -22.29 23.12
C ILE B 189 4.36 -22.76 21.74
N TYR B 190 5.55 -22.33 21.29
CA TYR B 190 6.10 -22.79 20.03
C TYR B 190 6.27 -24.31 20.07
N ILE B 191 5.88 -25.00 18.97
CA ILE B 191 6.29 -26.37 18.72
C ILE B 191 6.54 -26.54 17.23
N PRO B 192 7.51 -27.41 16.84
CA PRO B 192 7.80 -27.61 15.42
C PRO B 192 6.84 -28.67 14.84
N LEU B 193 6.76 -28.66 13.52
CA LEU B 193 6.24 -29.77 12.75
C LEU B 193 7.00 -31.04 13.15
N SER B 194 6.27 -32.15 13.26
CA SER B 194 6.84 -33.40 13.74
C SER B 194 6.17 -34.56 13.00
N ASP B 195 6.71 -35.78 13.19
CA ASP B 195 6.24 -36.97 12.48
C ASP B 195 4.73 -37.18 12.66
N GLU B 196 4.26 -36.87 13.87
CA GLU B 196 2.88 -37.13 14.26
C GLU B 196 1.89 -36.24 13.49
N HIS B 197 2.40 -35.18 12.84
CA HIS B 197 1.52 -34.23 12.17
C HIS B 197 1.44 -34.58 10.70
N MET B 198 2.17 -35.61 10.27
CA MET B 198 2.42 -35.80 8.83
C MET B 198 1.30 -36.59 8.16
N SER B 199 0.39 -37.19 8.93
CA SER B 199 -0.78 -37.83 8.35
C SER B 199 -1.89 -37.91 9.41
N LEU B 200 -3.13 -38.11 8.95
CA LEU B 200 -4.25 -38.15 9.87
C LEU B 200 -4.12 -39.35 10.82
N ALA B 201 -3.70 -40.49 10.26
CA ALA B 201 -3.52 -41.71 11.03
C ALA B 201 -2.53 -41.46 12.17
N ALA B 202 -1.39 -40.86 11.84
CA ALA B 202 -0.38 -40.56 12.87
C ALA B 202 -0.91 -39.56 13.90
N LEU B 203 -1.77 -38.61 13.47
CA LEU B 203 -2.19 -37.58 14.41
C LEU B 203 -3.15 -38.22 15.42
N GLU B 204 -4.08 -39.04 14.91
CA GLU B 204 -5.04 -39.75 15.76
C GLU B 204 -4.32 -40.63 16.76
N LYS B 205 -3.29 -41.35 16.29
CA LYS B 205 -2.52 -42.24 17.14
C LYS B 205 -1.91 -41.43 18.29
N ALA B 206 -1.36 -40.26 17.97
CA ALA B 206 -0.71 -39.43 18.97
C ALA B 206 -1.74 -38.90 19.97
N MET B 207 -2.94 -38.59 19.49
CA MET B 207 -4.02 -38.14 20.36
C MET B 207 -4.39 -39.24 21.37
N LYS B 208 -4.53 -40.47 20.88
CA LYS B 208 -4.88 -41.61 21.72
C LYS B 208 -3.78 -41.99 22.71
N ASP B 209 -2.51 -41.88 22.31
CA ASP B 209 -1.39 -42.16 23.20
C ASP B 209 -1.22 -41.00 24.19
N ASN B 210 -2.02 -39.94 24.03
CA ASN B 210 -1.93 -38.76 24.88
C ASN B 210 -0.54 -38.13 24.76
N ASN B 211 -0.05 -37.97 23.52
CA ASN B 211 1.22 -37.26 23.34
C ASN B 211 1.02 -35.75 23.52
N THR B 212 1.23 -35.27 24.74
CA THR B 212 0.91 -33.89 25.08
C THR B 212 2.04 -32.94 24.66
N GLU B 213 3.06 -33.47 23.98
CA GLU B 213 4.16 -32.61 23.55
C GLU B 213 4.00 -32.20 22.09
N VAL B 214 3.34 -33.04 21.28
CA VAL B 214 3.14 -32.72 19.87
C VAL B 214 1.66 -32.41 19.59
N ILE B 215 0.77 -32.70 20.53
CA ILE B 215 -0.65 -32.44 20.29
C ILE B 215 -1.08 -31.24 21.14
N SER B 216 -1.37 -30.13 20.45
CA SER B 216 -1.77 -28.92 21.14
C SER B 216 -3.22 -29.08 21.57
N PRO B 217 -3.70 -28.38 22.62
CA PRO B 217 -5.14 -28.27 22.84
C PRO B 217 -5.83 -27.76 21.56
N SER B 218 -5.21 -26.81 20.86
CA SER B 218 -5.92 -26.21 19.74
C SER B 218 -6.22 -27.29 18.69
N MET B 219 -5.29 -28.24 18.50
CA MET B 219 -5.48 -29.32 17.54
C MET B 219 -6.71 -30.17 17.90
N CYS B 220 -7.04 -30.26 19.20
CA CYS B 220 -8.18 -31.03 19.66
C CYS B 220 -9.47 -30.30 19.26
N TYR B 221 -9.49 -28.97 19.40
CA TYR B 221 -10.65 -28.19 18.97
C TYR B 221 -10.78 -28.27 17.45
N ALA B 222 -9.64 -28.19 16.74
CA ALA B 222 -9.71 -28.22 15.28
C ALA B 222 -10.27 -29.58 14.81
N TYR B 223 -9.79 -30.67 15.42
CA TYR B 223 -10.22 -32.01 15.03
C TYR B 223 -11.73 -32.14 15.28
N ALA B 224 -12.17 -31.70 16.45
CA ALA B 224 -13.58 -31.76 16.83
C ALA B 224 -14.43 -30.96 15.85
N ALA B 225 -13.92 -29.79 15.46
CA ALA B 225 -14.70 -28.94 14.57
C ALA B 225 -14.86 -29.65 13.24
N ILE B 226 -13.73 -30.10 12.67
CA ILE B 226 -13.77 -30.76 11.37
C ILE B 226 -14.66 -32.01 11.47
N ALA B 227 -14.52 -32.79 12.55
CA ALA B 227 -15.28 -34.03 12.70
C ALA B 227 -16.78 -33.74 12.71
N GLU B 228 -17.16 -32.51 13.09
CA GLU B 228 -18.55 -32.14 13.27
C GLU B 228 -19.01 -31.21 12.14
N ASP B 229 -18.32 -31.22 11.00
CA ASP B 229 -18.84 -30.53 9.82
C ASP B 229 -18.82 -29.00 10.05
N ALA B 230 -17.81 -28.53 10.81
CA ALA B 230 -17.78 -27.11 11.17
C ALA B 230 -16.46 -26.53 10.68
N PRO B 231 -16.47 -25.54 9.76
CA PRO B 231 -15.25 -24.87 9.32
C PRO B 231 -14.52 -24.35 10.55
N PHE B 232 -13.18 -24.34 10.48
CA PHE B 232 -12.35 -23.94 11.61
C PHE B 232 -11.41 -22.81 11.19
N VAL B 233 -11.30 -21.78 12.04
CA VAL B 233 -10.45 -20.61 11.79
C VAL B 233 -9.45 -20.50 12.93
N MET B 234 -8.14 -20.42 12.59
CA MET B 234 -7.10 -20.27 13.61
C MET B 234 -6.68 -18.79 13.66
N GLY B 235 -7.19 -18.05 14.65
CA GLY B 235 -6.94 -16.62 14.74
C GLY B 235 -5.66 -16.27 15.49
N ALA B 236 -5.01 -17.27 16.09
CA ALA B 236 -3.72 -17.12 16.76
C ALA B 236 -2.62 -17.66 15.85
N PRO B 237 -1.30 -17.48 16.14
CA PRO B 237 -0.26 -18.04 15.28
C PRO B 237 0.12 -19.49 15.52
N ASN B 238 -0.76 -20.25 16.22
CA ASN B 238 -0.49 -21.59 16.70
C ASN B 238 -0.32 -22.60 15.56
N LEU B 239 0.66 -23.51 15.70
CA LEU B 239 0.66 -24.70 14.87
C LEU B 239 -0.58 -25.52 15.19
N CYS B 240 -1.39 -25.80 14.17
CA CYS B 240 -2.70 -26.37 14.43
C CYS B 240 -3.25 -26.99 13.16
N VAL B 241 -3.82 -26.16 12.27
CA VAL B 241 -4.41 -26.69 11.05
C VAL B 241 -3.42 -26.60 9.89
N ASP B 242 -2.28 -25.92 10.11
CA ASP B 242 -1.20 -25.90 9.13
C ASP B 242 -0.34 -27.17 9.24
N THR B 243 -0.97 -28.35 9.20
CA THR B 243 -0.23 -29.61 9.21
C THR B 243 -0.82 -30.54 8.16
N PRO B 244 -0.03 -31.44 7.51
CA PRO B 244 -0.59 -32.41 6.57
C PRO B 244 -1.78 -33.22 7.13
N ALA B 245 -1.75 -33.53 8.43
CA ALA B 245 -2.85 -34.27 9.04
C ALA B 245 -4.17 -33.52 8.87
N MET B 246 -4.16 -32.20 9.05
CA MET B 246 -5.38 -31.44 9.02
C MET B 246 -5.79 -31.16 7.58
N TRP B 247 -4.80 -31.08 6.67
CA TRP B 247 -5.15 -30.96 5.26
C TRP B 247 -5.87 -32.23 4.82
N GLU B 248 -5.36 -33.40 5.24
CA GLU B 248 -5.98 -34.69 4.94
C GLU B 248 -7.39 -34.77 5.54
N PHE B 249 -7.54 -34.42 6.83
CA PHE B 249 -8.83 -34.58 7.48
C PHE B 249 -9.88 -33.65 6.89
N SER B 250 -9.52 -32.37 6.70
CA SER B 250 -10.46 -31.39 6.18
C SER B 250 -10.92 -31.79 4.77
N LYS B 251 -10.02 -32.40 3.99
CA LYS B 251 -10.38 -32.87 2.64
C LYS B 251 -11.34 -34.06 2.71
N GLN B 252 -11.09 -34.99 3.63
CA GLN B 252 -11.93 -36.16 3.80
C GLN B 252 -13.35 -35.73 4.17
N LYS B 253 -13.44 -34.73 5.06
CA LYS B 253 -14.71 -34.28 5.59
C LYS B 253 -15.31 -33.16 4.75
N ASN B 254 -14.59 -32.65 3.76
CA ASN B 254 -15.13 -31.56 2.96
C ASN B 254 -15.43 -30.32 3.81
N VAL B 255 -14.47 -29.98 4.69
CA VAL B 255 -14.60 -28.80 5.54
C VAL B 255 -13.51 -27.80 5.18
N PRO B 256 -13.83 -26.49 5.11
CA PRO B 256 -12.80 -25.45 4.99
C PRO B 256 -12.02 -25.22 6.29
N ILE B 257 -10.72 -24.98 6.16
CA ILE B 257 -9.89 -24.53 7.28
C ILE B 257 -9.16 -23.25 6.86
N SER B 258 -9.05 -22.28 7.78
CA SER B 258 -8.43 -21.00 7.44
C SER B 258 -7.48 -20.58 8.54
N GLY B 259 -6.44 -19.82 8.17
CA GLY B 259 -5.51 -19.29 9.15
C GLY B 259 -4.24 -18.76 8.50
N LYS B 260 -3.35 -18.15 9.32
CA LYS B 260 -3.54 -18.03 10.75
C LYS B 260 -3.04 -16.67 11.24
N ASP B 261 -3.60 -16.21 12.37
CA ASP B 261 -3.11 -15.06 13.14
C ASP B 261 -3.72 -13.79 12.54
N PHE B 262 -4.74 -13.22 13.20
CA PHE B 262 -5.39 -12.05 12.59
C PHE B 262 -4.37 -10.98 12.22
N LYS B 263 -4.43 -10.48 10.97
CA LYS B 263 -3.53 -9.42 10.55
C LYS B 263 -4.24 -8.06 10.68
N SER B 264 -3.97 -7.34 11.78
CA SER B 264 -4.86 -6.28 12.24
C SER B 264 -4.16 -4.91 12.28
N GLY B 265 -2.88 -4.87 12.67
CA GLY B 265 -2.24 -3.61 13.04
C GLY B 265 -0.85 -3.40 12.45
N GLN B 266 0.18 -3.72 13.25
CA GLN B 266 1.56 -3.51 12.83
C GLN B 266 1.91 -4.35 11.61
N THR B 267 1.48 -5.62 11.59
CA THR B 267 1.74 -6.50 10.45
C THR B 267 0.91 -6.09 9.24
N LEU B 268 -0.31 -5.58 9.45
CA LEU B 268 -1.08 -5.05 8.33
C LEU B 268 -0.24 -3.99 7.62
N MET B 269 0.32 -3.06 8.40
CA MET B 269 1.11 -1.97 7.86
C MET B 269 2.34 -2.51 7.13
N LYS B 270 2.99 -3.54 7.70
CA LYS B 270 4.19 -4.14 7.10
C LYS B 270 3.86 -4.67 5.70
N THR B 271 2.67 -5.25 5.54
CA THR B 271 2.30 -5.84 4.25
C THR B 271 1.66 -4.81 3.32
N VAL B 272 1.77 -3.54 3.70
CA VAL B 272 1.38 -2.42 2.84
C VAL B 272 2.61 -1.62 2.45
N LEU B 273 3.49 -1.31 3.41
CA LEU B 273 4.71 -0.60 3.11
C LEU B 273 5.70 -1.47 2.32
N ALA B 274 5.78 -2.78 2.60
CA ALA B 274 6.75 -3.56 1.84
C ALA B 274 6.33 -3.55 0.36
N PRO B 275 5.04 -3.75 0.00
CA PRO B 275 4.62 -3.54 -1.40
C PRO B 275 4.95 -2.16 -1.96
N MET B 276 4.87 -1.11 -1.13
CA MET B 276 5.28 0.21 -1.59
C MET B 276 6.76 0.21 -2.00
N PHE B 277 7.66 -0.30 -1.14
CA PHE B 277 9.07 -0.28 -1.48
C PHE B 277 9.28 -1.10 -2.76
N LYS B 278 8.57 -2.23 -2.86
CA LYS B 278 8.72 -3.10 -4.01
C LYS B 278 8.27 -2.39 -5.29
N THR B 279 7.06 -1.85 -5.26
CA THR B 279 6.46 -1.14 -6.39
C THR B 279 7.35 0.03 -6.85
N ARG B 280 8.05 0.69 -5.91
CA ARG B 280 8.90 1.83 -6.27
C ARG B 280 10.38 1.43 -6.45
N MET B 281 10.70 0.12 -6.40
CA MET B 281 12.05 -0.38 -6.61
C MET B 281 13.04 0.30 -5.65
N LEU B 282 12.61 0.47 -4.40
CA LEU B 282 13.46 1.02 -3.35
C LEU B 282 14.07 -0.11 -2.54
N GLY B 283 15.36 -0.02 -2.22
CA GLY B 283 15.98 -1.09 -1.46
C GLY B 283 15.64 -0.98 0.03
N VAL B 284 15.78 -2.10 0.76
CA VAL B 284 15.58 -2.15 2.21
C VAL B 284 16.82 -2.79 2.86
N ASN B 285 17.46 -2.07 3.80
CA ASN B 285 18.61 -2.60 4.53
C ASN B 285 18.17 -3.26 5.84
N GLY B 286 17.05 -2.78 6.42
CA GLY B 286 16.63 -3.30 7.71
C GLY B 286 15.24 -2.81 8.11
N TRP B 287 14.64 -3.53 9.04
CA TRP B 287 13.29 -3.25 9.51
C TRP B 287 13.22 -3.78 10.93
N PHE B 288 13.06 -2.86 11.89
CA PHE B 288 12.92 -3.19 13.30
C PHE B 288 11.49 -2.85 13.71
N SER B 289 10.81 -3.81 14.36
CA SER B 289 9.43 -3.65 14.80
C SER B 289 9.37 -4.02 16.27
N THR B 290 8.83 -3.10 17.09
CA THR B 290 8.61 -3.41 18.49
C THR B 290 7.18 -2.99 18.87
N ASN B 291 6.72 -3.47 20.03
CA ASN B 291 5.47 -2.93 20.53
C ASN B 291 5.38 -3.16 22.02
N ILE B 292 4.41 -2.47 22.62
CA ILE B 292 4.15 -2.55 24.04
C ILE B 292 2.64 -2.78 24.22
N LEU B 293 2.27 -3.79 25.02
CA LEU B 293 0.84 -4.03 25.27
C LEU B 293 0.69 -4.66 26.66
N GLY B 294 -0.50 -4.46 27.25
CA GLY B 294 -0.65 -4.86 28.65
C GLY B 294 -1.91 -5.67 28.91
N ASN B 295 -2.43 -6.34 27.88
CA ASN B 295 -3.68 -7.06 27.99
C ASN B 295 -3.34 -8.53 28.33
N ARG B 296 -4.38 -9.38 28.36
CA ARG B 296 -4.20 -10.79 28.65
C ARG B 296 -3.38 -11.47 27.54
N ASP B 297 -3.53 -10.99 26.30
CA ASP B 297 -2.69 -11.39 25.19
C ASP B 297 -1.22 -11.17 25.56
N GLY B 298 -0.90 -9.92 25.97
CA GLY B 298 0.44 -9.57 26.40
C GLY B 298 0.94 -10.40 27.59
N GLU B 299 0.04 -10.71 28.54
CA GLU B 299 0.47 -11.51 29.69
C GLU B 299 1.05 -12.83 29.21
N VAL B 300 0.37 -13.44 28.23
CA VAL B 300 0.74 -14.77 27.76
C VAL B 300 2.06 -14.68 27.02
N LEU B 301 2.17 -13.64 26.18
CA LEU B 301 3.27 -13.52 25.24
C LEU B 301 4.57 -13.16 25.98
N ASP B 302 4.44 -12.80 27.28
CA ASP B 302 5.59 -12.49 28.13
C ASP B 302 6.42 -13.76 28.37
N ASP B 303 5.81 -14.94 28.22
CA ASP B 303 6.58 -16.18 28.19
C ASP B 303 7.28 -16.26 26.83
N PRO B 304 8.65 -16.23 26.79
CA PRO B 304 9.43 -16.32 25.53
C PRO B 304 9.00 -17.45 24.58
N ASP B 305 8.57 -18.59 25.14
CA ASP B 305 8.09 -19.72 24.36
C ASP B 305 6.84 -19.35 23.56
N ASN B 306 5.93 -18.56 24.17
CA ASN B 306 4.73 -18.08 23.51
C ASN B 306 5.07 -16.91 22.58
N PHE B 307 6.00 -16.06 23.03
CA PHE B 307 6.53 -15.00 22.18
C PHE B 307 7.03 -15.60 20.86
N LYS B 308 7.79 -16.70 20.94
CA LYS B 308 8.42 -17.25 19.74
C LYS B 308 7.40 -17.50 18.63
N THR B 309 6.24 -18.09 19.00
CA THR B 309 5.17 -18.42 18.07
C THR B 309 4.74 -17.16 17.30
N LYS B 310 4.56 -16.05 18.03
CA LYS B 310 4.15 -14.78 17.44
C LYS B 310 5.27 -14.27 16.55
N GLU B 311 6.51 -14.35 17.06
CA GLU B 311 7.67 -13.78 16.40
C GLU B 311 7.86 -14.44 15.04
N VAL B 312 7.84 -15.78 14.99
CA VAL B 312 8.01 -16.51 13.74
C VAL B 312 6.99 -15.99 12.71
N SER B 313 5.72 -15.82 13.14
CA SER B 313 4.63 -15.38 12.30
C SER B 313 4.87 -13.95 11.78
N LYS B 314 5.21 -13.02 12.69
CA LYS B 314 5.47 -11.63 12.31
C LYS B 314 6.68 -11.52 11.37
N LEU B 315 7.72 -12.35 11.57
CA LEU B 315 8.94 -12.27 10.76
C LEU B 315 8.69 -12.69 9.30
N SER B 316 7.66 -13.51 9.08
CA SER B 316 7.54 -14.28 7.85
C SER B 316 6.98 -13.45 6.67
N VAL B 317 6.54 -12.20 6.88
CA VAL B 317 5.64 -11.57 5.92
C VAL B 317 6.32 -10.78 4.79
N ILE B 318 7.66 -10.62 4.80
CA ILE B 318 8.26 -9.74 3.80
C ILE B 318 9.03 -10.51 2.71
N ASP B 319 9.53 -11.71 3.01
CA ASP B 319 10.44 -12.36 2.08
C ASP B 319 9.80 -12.57 0.71
N THR B 320 8.56 -13.08 0.68
CA THR B 320 7.95 -13.38 -0.60
C THR B 320 7.52 -12.09 -1.29
N ILE B 321 7.41 -10.97 -0.54
CA ILE B 321 7.12 -9.69 -1.18
C ILE B 321 8.39 -9.18 -1.88
N PHE B 322 9.52 -9.23 -1.17
CA PHE B 322 10.73 -8.64 -1.69
C PHE B 322 11.34 -9.53 -2.79
N GLU B 323 11.28 -10.86 -2.57
CA GLU B 323 11.94 -11.86 -3.40
C GLU B 323 13.44 -11.53 -3.48
N PRO B 324 14.22 -11.76 -2.40
CA PRO B 324 15.64 -11.40 -2.39
C PRO B 324 16.51 -12.10 -3.43
N GLU B 325 16.14 -13.32 -3.83
CA GLU B 325 16.89 -14.05 -4.84
C GLU B 325 16.75 -13.37 -6.20
N LYS B 326 15.59 -12.74 -6.48
CA LYS B 326 15.36 -12.07 -7.76
C LYS B 326 15.91 -10.65 -7.77
N TYR B 327 15.88 -9.97 -6.62
CA TYR B 327 16.36 -8.60 -6.58
C TYR B 327 17.45 -8.47 -5.54
N PRO B 328 18.63 -9.10 -5.79
CA PRO B 328 19.71 -9.11 -4.80
C PRO B 328 20.21 -7.70 -4.47
N ASP B 329 20.10 -6.77 -5.42
CA ASP B 329 20.61 -5.42 -5.23
C ASP B 329 19.68 -4.56 -4.37
N LEU B 330 18.43 -4.98 -4.20
CA LEU B 330 17.50 -4.23 -3.37
C LEU B 330 17.34 -4.89 -2.00
N TYR B 331 17.17 -6.22 -1.98
CA TYR B 331 16.67 -6.90 -0.78
C TYR B 331 17.58 -8.06 -0.44
N GLY B 332 18.81 -8.05 -0.96
CA GLY B 332 19.69 -9.21 -0.77
C GLY B 332 20.11 -9.38 0.69
N ASP B 333 19.90 -8.35 1.52
CA ASP B 333 20.49 -8.39 2.84
C ASP B 333 19.64 -7.54 3.79
N VAL B 334 18.42 -8.00 4.06
CA VAL B 334 17.50 -7.29 4.94
C VAL B 334 17.72 -7.82 6.36
N TYR B 335 18.03 -6.93 7.32
CA TYR B 335 18.04 -7.36 8.70
C TYR B 335 16.67 -7.07 9.31
N HIS B 336 15.94 -8.14 9.65
CA HIS B 336 14.55 -8.04 10.09
C HIS B 336 14.44 -8.51 11.52
N LYS B 337 13.96 -7.65 12.42
CA LYS B 337 13.84 -8.05 13.83
C LYS B 337 12.53 -7.53 14.41
N VAL B 338 11.82 -8.42 15.14
CA VAL B 338 10.58 -8.05 15.79
C VAL B 338 10.67 -8.35 17.28
N ARG B 339 10.06 -7.49 18.10
CA ARG B 339 10.02 -7.60 19.56
C ARG B 339 8.61 -7.29 20.05
N ILE B 340 8.20 -7.97 21.13
CA ILE B 340 6.91 -7.71 21.74
C ILE B 340 7.18 -7.56 23.24
N ASN B 341 6.65 -6.48 23.85
CA ASN B 341 7.04 -6.22 25.23
C ASN B 341 5.78 -6.05 26.08
N TYR B 342 5.66 -6.89 27.10
CA TYR B 342 4.59 -6.72 28.08
C TYR B 342 4.78 -5.39 28.80
N TYR B 343 3.68 -4.63 28.93
CA TYR B 343 3.70 -3.24 29.39
C TYR B 343 2.32 -2.86 29.92
N PRO B 344 2.03 -3.17 31.21
CA PRO B 344 0.69 -2.99 31.78
C PRO B 344 -0.03 -1.68 31.52
N PRO B 345 0.64 -0.49 31.56
CA PRO B 345 -0.04 0.77 31.23
C PRO B 345 -0.79 0.82 29.90
N ARG B 346 -0.40 0.02 28.88
CA ARG B 346 -1.08 0.11 27.59
C ARG B 346 -2.40 -0.67 27.56
N LYS B 347 -2.56 -1.68 28.44
CA LYS B 347 -3.75 -2.53 28.47
C LYS B 347 -4.03 -3.20 27.13
N ASP B 348 -5.26 -3.03 26.58
CA ASP B 348 -5.56 -3.62 25.26
C ASP B 348 -5.05 -2.76 24.11
N ASN B 349 -4.60 -1.54 24.42
CA ASN B 349 -4.20 -0.62 23.35
C ASN B 349 -2.73 -0.78 22.95
N LYS B 350 -2.36 -1.92 22.35
CA LYS B 350 -1.02 -2.16 21.85
C LYS B 350 -0.46 -0.92 21.12
N GLU B 351 0.77 -0.54 21.46
CA GLU B 351 1.43 0.54 20.74
C GLU B 351 2.64 -0.02 20.01
N ALA B 352 2.74 0.27 18.70
CA ALA B 352 3.80 -0.26 17.86
C ALA B 352 4.73 0.88 17.49
N TRP B 353 6.03 0.57 17.42
CA TRP B 353 7.01 1.48 16.84
C TRP B 353 7.84 0.69 15.84
N ASP B 354 8.01 1.23 14.62
CA ASP B 354 8.83 0.59 13.59
C ASP B 354 9.86 1.59 13.05
N ASN B 355 11.07 1.09 12.83
CA ASN B 355 12.10 1.83 12.12
C ASN B 355 12.50 1.02 10.89
N ILE B 356 12.33 1.61 9.70
CA ILE B 356 12.72 0.98 8.45
C ILE B 356 13.85 1.77 7.81
N ASP B 357 14.96 1.06 7.53
CA ASP B 357 16.11 1.62 6.82
C ASP B 357 16.02 1.24 5.34
N ILE B 358 15.84 2.25 4.47
CA ILE B 358 15.65 1.99 3.04
C ILE B 358 16.76 2.70 2.29
N PHE B 359 16.88 2.41 0.98
CA PHE B 359 17.83 3.18 0.20
C PHE B 359 17.24 3.43 -1.19
N GLY B 360 17.62 4.55 -1.81
CA GLY B 360 17.14 4.86 -3.15
C GLY B 360 18.30 4.91 -4.14
N TRP B 361 18.08 5.62 -5.25
CA TRP B 361 19.03 5.96 -6.30
C TRP B 361 20.46 6.02 -5.76
N MET B 362 21.34 5.24 -6.39
CA MET B 362 22.79 5.31 -6.17
C MET B 362 23.10 4.83 -4.74
N GLY B 363 22.13 4.17 -4.12
CA GLY B 363 22.33 3.50 -2.85
C GLY B 363 22.21 4.41 -1.63
N TYR B 364 21.69 5.63 -1.77
CA TYR B 364 21.70 6.59 -0.67
C TYR B 364 20.59 6.27 0.34
N PRO B 365 20.92 6.17 1.65
CA PRO B 365 19.98 5.65 2.65
C PRO B 365 19.00 6.70 3.18
N MET B 366 17.81 6.23 3.61
CA MET B 366 16.77 7.08 4.20
C MET B 366 16.11 6.26 5.30
N GLU B 367 15.24 6.88 6.12
CA GLU B 367 14.65 6.18 7.24
C GLU B 367 13.17 6.55 7.33
N ILE B 368 12.33 5.57 7.69
CA ILE B 368 10.91 5.81 7.96
C ILE B 368 10.63 5.29 9.37
N LYS B 369 10.01 6.16 10.21
CA LYS B 369 9.57 5.73 11.54
C LYS B 369 8.04 5.75 11.62
N VAL B 370 7.44 4.63 12.06
CA VAL B 370 5.99 4.50 12.16
C VAL B 370 5.60 4.21 13.60
N ASN B 371 4.72 5.05 14.13
CA ASN B 371 4.18 4.90 15.48
C ASN B 371 2.68 4.69 15.33
N PHE B 372 2.23 3.45 15.58
CA PHE B 372 0.84 3.07 15.38
C PHE B 372 0.25 2.82 16.77
N LEU B 373 -0.64 3.71 17.19
CA LEU B 373 -1.36 3.57 18.46
C LEU B 373 -2.61 2.73 18.16
N CYS B 374 -2.49 1.41 18.33
CA CYS B 374 -3.55 0.49 17.97
C CYS B 374 -4.56 0.37 19.12
N ARG B 375 -5.77 -0.01 18.77
CA ARG B 375 -6.68 -0.67 19.69
C ARG B 375 -6.85 -2.08 19.16
N ASP B 376 -6.08 -3.02 19.74
CA ASP B 376 -5.85 -4.30 19.12
C ASP B 376 -7.16 -5.03 18.85
N SER B 377 -8.04 -5.05 19.86
CA SER B 377 -9.27 -5.83 19.78
C SER B 377 -10.28 -5.16 18.85
N ILE B 378 -10.26 -3.82 18.79
CA ILE B 378 -11.04 -3.06 17.83
C ILE B 378 -10.61 -3.45 16.41
N LEU B 379 -9.29 -3.56 16.15
CA LEU B 379 -8.85 -3.87 14.80
C LEU B 379 -9.19 -5.32 14.44
N ALA B 380 -9.05 -6.24 15.38
CA ALA B 380 -9.19 -7.65 15.06
C ALA B 380 -10.66 -8.09 15.04
N ALA B 381 -11.55 -7.38 15.74
CA ALA B 381 -12.93 -7.82 15.87
C ALA B 381 -13.59 -8.04 14.49
N PRO B 382 -13.60 -7.06 13.56
CA PRO B 382 -14.24 -7.27 12.26
C PRO B 382 -13.55 -8.38 11.44
N ILE B 383 -12.24 -8.56 11.68
CA ILE B 383 -11.47 -9.54 10.93
C ILE B 383 -11.96 -10.93 11.35
N ALA B 384 -12.23 -11.11 12.64
CA ALA B 384 -12.69 -12.40 13.14
C ALA B 384 -14.08 -12.68 12.58
N LEU B 385 -14.94 -11.65 12.58
CA LEU B 385 -16.29 -11.80 12.05
C LEU B 385 -16.23 -12.18 10.57
N ASP B 386 -15.39 -11.48 9.79
CA ASP B 386 -15.29 -11.71 8.35
C ASP B 386 -14.82 -13.15 8.09
N LEU B 387 -13.82 -13.64 8.85
CA LEU B 387 -13.30 -15.00 8.65
C LEU B 387 -14.41 -16.02 8.91
N VAL B 388 -15.19 -15.77 9.97
CA VAL B 388 -16.29 -16.66 10.33
C VAL B 388 -17.32 -16.68 9.21
N LEU B 389 -17.77 -15.51 8.76
CA LEU B 389 -18.85 -15.46 7.78
C LEU B 389 -18.39 -15.98 6.42
N PHE B 390 -17.12 -15.68 6.04
CA PHE B 390 -16.60 -16.17 4.77
C PHE B 390 -16.36 -17.69 4.82
N SER B 391 -16.03 -18.22 6.00
CA SER B 391 -15.81 -19.66 6.16
C SER B 391 -17.13 -20.41 5.99
N ASP B 392 -18.20 -19.87 6.57
CA ASP B 392 -19.54 -20.41 6.43
C ASP B 392 -19.95 -20.39 4.96
N LEU B 393 -19.67 -19.28 4.26
CA LEU B 393 -19.96 -19.20 2.84
C LEU B 393 -19.17 -20.25 2.06
N ALA B 394 -17.88 -20.36 2.35
CA ALA B 394 -16.98 -21.29 1.65
C ALA B 394 -17.56 -22.70 1.71
N MET B 395 -18.07 -23.10 2.88
CA MET B 395 -18.56 -24.46 2.93
C MET B 395 -19.85 -24.62 2.12
N ARG B 396 -20.72 -23.61 2.16
CA ARG B 396 -21.98 -23.68 1.43
C ARG B 396 -21.70 -23.65 -0.08
N ALA B 397 -20.50 -23.17 -0.44
CA ALA B 397 -20.13 -23.08 -1.84
C ALA B 397 -19.35 -24.32 -2.26
N GLY B 398 -19.25 -25.31 -1.37
CA GLY B 398 -18.61 -26.58 -1.68
C GLY B 398 -17.08 -26.55 -1.60
N MET B 399 -16.49 -25.56 -0.90
CA MET B 399 -15.04 -25.43 -0.78
C MET B 399 -14.55 -26.16 0.47
N CYS B 400 -13.30 -26.64 0.45
CA CYS B 400 -12.78 -27.40 1.58
C CYS B 400 -11.25 -27.28 1.61
N GLY B 401 -10.62 -27.80 2.67
CA GLY B 401 -9.17 -27.63 2.81
C GLY B 401 -8.78 -26.17 2.97
N ILE B 402 -7.54 -25.86 2.59
CA ILE B 402 -6.92 -24.59 2.93
C ILE B 402 -7.63 -23.49 2.17
N GLN B 403 -8.18 -22.48 2.88
CA GLN B 403 -8.87 -21.39 2.20
C GLN B 403 -7.86 -20.30 1.85
N THR B 404 -7.11 -20.53 0.76
CA THR B 404 -6.09 -19.61 0.26
C THR B 404 -6.69 -18.21 0.06
N TRP B 405 -7.94 -18.15 -0.42
CA TRP B 405 -8.57 -16.89 -0.74
C TRP B 405 -8.76 -15.98 0.49
N LEU B 406 -8.67 -16.53 1.71
CA LEU B 406 -8.83 -15.70 2.91
C LEU B 406 -7.49 -15.23 3.47
N SER B 407 -6.40 -15.37 2.71
CA SER B 407 -5.06 -14.93 3.09
C SER B 407 -5.06 -13.49 3.61
N PHE B 408 -5.88 -12.64 2.99
CA PHE B 408 -6.06 -11.22 3.31
C PHE B 408 -6.17 -10.93 4.81
N PHE B 409 -6.76 -11.87 5.58
CA PHE B 409 -7.13 -11.62 6.97
C PHE B 409 -6.03 -12.06 7.93
N CYS B 410 -4.90 -12.61 7.41
CA CYS B 410 -4.00 -13.43 8.20
C CYS B 410 -2.53 -12.99 8.07
N LYS B 411 -1.79 -13.07 9.19
CA LYS B 411 -0.37 -12.75 9.18
C LYS B 411 0.40 -13.86 8.50
N SER B 412 0.04 -15.12 8.77
CA SER B 412 0.74 -16.26 8.19
C SER B 412 -0.26 -17.08 7.37
N PRO B 413 -0.52 -16.70 6.10
CA PRO B 413 -1.54 -17.38 5.31
C PRO B 413 -1.17 -18.84 5.18
N MET B 414 -2.12 -19.72 5.50
CA MET B 414 -1.85 -21.16 5.45
C MET B 414 -1.56 -21.58 4.01
N HIS B 415 -0.66 -22.54 3.82
CA HIS B 415 -0.33 -23.06 2.50
C HIS B 415 0.23 -24.47 2.66
N ASP B 416 0.02 -25.33 1.64
CA ASP B 416 0.64 -26.66 1.67
C ASP B 416 2.09 -26.56 1.17
N PHE B 417 2.79 -27.70 1.09
CA PHE B 417 4.20 -27.73 0.73
C PHE B 417 4.44 -27.43 -0.75
N GLU B 418 3.37 -27.30 -1.55
CA GLU B 418 3.56 -26.98 -2.96
C GLU B 418 3.11 -25.56 -3.28
N HIS B 419 2.82 -24.73 -2.27
CA HIS B 419 2.39 -23.36 -2.54
C HIS B 419 3.11 -22.40 -1.61
N GLN B 420 3.30 -21.15 -2.05
CA GLN B 420 3.91 -20.13 -1.18
C GLN B 420 2.81 -19.19 -0.69
N PRO B 421 2.92 -18.63 0.53
CA PRO B 421 1.93 -17.65 0.99
C PRO B 421 2.07 -16.36 0.18
N GLU B 422 0.94 -15.71 -0.11
CA GLU B 422 0.97 -14.37 -0.67
C GLU B 422 0.70 -13.38 0.46
N HIS B 423 1.53 -12.33 0.61
CA HIS B 423 1.46 -11.47 1.76
C HIS B 423 1.03 -10.05 1.40
N ASP B 424 1.13 -9.67 0.13
CA ASP B 424 0.87 -8.29 -0.26
C ASP B 424 -0.62 -8.01 -0.08
N LEU B 425 -0.97 -7.06 0.80
CA LEU B 425 -2.36 -6.80 1.15
C LEU B 425 -3.21 -6.59 -0.10
N PHE B 426 -2.68 -5.85 -1.08
CA PHE B 426 -3.44 -5.40 -2.23
C PHE B 426 -3.70 -6.56 -3.16
N THR B 427 -2.69 -7.43 -3.30
CA THR B 427 -2.84 -8.67 -4.04
C THR B 427 -3.82 -9.60 -3.32
N GLN B 428 -3.72 -9.63 -1.98
CA GLN B 428 -4.60 -10.46 -1.16
C GLN B 428 -6.05 -10.00 -1.34
N TRP B 429 -6.28 -8.67 -1.43
CA TRP B 429 -7.64 -8.18 -1.61
C TRP B 429 -8.17 -8.66 -2.97
N ARG B 430 -7.33 -8.60 -4.00
CA ARG B 430 -7.70 -9.10 -5.32
C ARG B 430 -8.07 -10.58 -5.27
N MET B 431 -7.33 -11.36 -4.48
CA MET B 431 -7.66 -12.78 -4.30
C MET B 431 -9.06 -12.96 -3.71
N VAL B 432 -9.42 -12.15 -2.70
CA VAL B 432 -10.77 -12.20 -2.12
C VAL B 432 -11.82 -11.94 -3.22
N LYS B 433 -11.67 -10.84 -3.98
CA LYS B 433 -12.66 -10.47 -4.98
C LYS B 433 -12.76 -11.54 -6.05
N GLN B 434 -11.61 -12.08 -6.47
CA GLN B 434 -11.58 -13.08 -7.54
C GLN B 434 -12.38 -14.32 -7.13
N THR B 435 -12.17 -14.83 -5.90
CA THR B 435 -12.92 -16.00 -5.46
C THR B 435 -14.42 -15.69 -5.40
N LEU B 436 -14.76 -14.52 -4.87
CA LEU B 436 -16.16 -14.15 -4.75
C LEU B 436 -16.85 -14.10 -6.13
N ARG B 437 -16.16 -13.48 -7.11
CA ARG B 437 -16.66 -13.40 -8.48
C ARG B 437 -16.80 -14.81 -9.06
N ASN B 438 -15.75 -15.63 -8.90
CA ASN B 438 -15.75 -16.99 -9.41
C ASN B 438 -16.93 -17.77 -8.84
N MET B 439 -17.27 -17.53 -7.57
CA MET B 439 -18.34 -18.28 -6.91
C MET B 439 -19.66 -18.11 -7.65
N ILE B 440 -19.83 -16.98 -8.32
CA ILE B 440 -21.09 -16.71 -9.00
C ILE B 440 -20.88 -16.71 -10.51
N GLY B 441 -19.77 -17.33 -10.94
CA GLY B 441 -19.43 -17.51 -12.35
C GLY B 441 -19.19 -16.19 -13.10
N GLU B 442 -18.62 -15.18 -12.43
CA GLU B 442 -18.30 -13.89 -13.03
C GLU B 442 -16.79 -13.68 -13.12
N LYS B 443 -16.40 -12.80 -14.04
CA LYS B 443 -15.06 -12.23 -14.15
C LYS B 443 -15.10 -10.76 -13.76
N GLU B 444 -13.93 -10.22 -13.40
CA GLU B 444 -13.77 -8.80 -13.16
C GLU B 444 -14.21 -8.07 -14.43
N PRO B 445 -14.83 -6.87 -14.36
CA PRO B 445 -15.16 -6.11 -15.57
C PRO B 445 -13.94 -5.64 -16.33
N ASP B 446 -12.83 -5.38 -15.61
CA ASP B 446 -11.56 -5.03 -16.24
C ASP B 446 -10.43 -5.22 -15.20
N TYR B 447 -9.20 -5.10 -15.68
CA TYR B 447 -7.98 -5.35 -14.92
C TYR B 447 -7.89 -4.45 -13.68
N LEU B 448 -8.50 -3.26 -13.74
CA LEU B 448 -8.34 -2.27 -12.69
C LEU B 448 -9.38 -2.48 -11.61
N ALA B 449 -10.40 -3.31 -11.86
CA ALA B 449 -11.47 -3.52 -10.88
C ALA B 449 -11.05 -4.58 -9.85
PA NAD C . 16.16 23.41 -7.25
O1A NAD C . 15.77 24.82 -6.89
O2A NAD C . 17.42 22.81 -6.70
O5B NAD C . 16.20 23.23 -8.85
C5B NAD C . 15.39 24.05 -9.72
C4B NAD C . 16.32 24.78 -10.66
O4B NAD C . 15.52 25.47 -11.67
C3B NAD C . 17.21 25.87 -10.02
O3B NAD C . 18.57 25.71 -10.42
C2B NAD C . 16.60 27.19 -10.50
O2B NAD C . 17.51 28.26 -10.64
C1B NAD C . 16.08 26.75 -11.87
N9A NAD C . 15.06 27.59 -12.48
C8A NAD C . 13.99 28.21 -11.89
N7A NAD C . 13.22 28.83 -12.75
C5A NAD C . 13.81 28.58 -14.00
C6A NAD C . 13.46 28.94 -15.31
N6A NAD C . 12.37 29.66 -15.65
N1A NAD C . 14.24 28.47 -16.31
C2A NAD C . 15.33 27.74 -16.00
N3A NAD C . 15.76 27.36 -14.80
C4A NAD C . 14.94 27.80 -13.83
O3 NAD C . 14.93 22.45 -6.87
PN NAD C . 14.88 20.84 -6.94
O1N NAD C . 14.98 20.36 -5.52
O2N NAD C . 15.90 20.38 -7.96
O5D NAD C . 13.41 20.56 -7.54
C5D NAD C . 13.05 21.01 -8.88
C4D NAD C . 11.54 21.05 -9.00
O4D NAD C . 11.00 19.74 -8.72
C3D NAD C . 10.78 22.00 -8.05
O3D NAD C . 9.62 22.55 -8.66
C2D NAD C . 10.39 21.03 -6.93
O2D NAD C . 9.38 21.52 -6.06
C1D NAD C . 9.96 19.84 -7.77
N1N NAD C . 9.86 18.56 -7.02
C2N NAD C . 10.96 17.95 -6.48
C3N NAD C . 10.74 16.92 -5.55
C7N NAD C . 11.89 16.37 -4.77
O7N NAD C . 11.74 15.33 -4.12
N7N NAD C . 13.01 17.08 -4.77
C4N NAD C . 9.45 16.43 -5.31
C5N NAD C . 8.38 17.06 -5.88
C6N NAD C . 8.64 17.97 -6.89
NA NA D . 3.69 22.98 10.64
PA NAD E . -7.13 -12.88 25.37
O1A NAD E . -6.04 -13.35 26.29
O2A NAD E . -8.07 -11.80 25.83
O5B NAD E . -7.77 -14.25 24.76
C5B NAD E . -9.01 -14.89 24.75
C4B NAD E . -9.07 -16.04 25.75
O4B NAD E . -8.46 -17.28 25.35
C3B NAD E . -8.58 -15.80 27.18
O3B NAD E . -9.77 -15.33 27.81
C2B NAD E . -8.07 -17.19 27.61
O2B NAD E . -8.43 -17.64 28.89
C1B NAD E . -8.64 -18.07 26.50
N9A NAD E . -8.01 -19.38 26.34
C8A NAD E . -6.67 -19.65 26.32
N7A NAD E . -6.41 -20.93 26.10
C5A NAD E . -7.65 -21.54 25.96
C6A NAD E . -8.03 -22.88 25.69
N6A NAD E . -7.16 -23.86 25.52
N1A NAD E . -9.36 -23.15 25.60
C2A NAD E . -10.22 -22.13 25.78
N3A NAD E . -9.97 -20.84 26.02
C4A NAD E . -8.65 -20.59 26.10
O3 NAD E . -6.48 -12.41 23.97
PN NAD E . -7.06 -11.51 22.76
O1N NAD E . -6.42 -10.16 22.86
O2N NAD E . -8.56 -11.58 22.75
O5D NAD E . -6.48 -12.30 21.49
C5D NAD E . -6.96 -13.64 21.13
C4D NAD E . -5.91 -14.31 20.27
O4D NAD E . -5.82 -13.57 19.02
C3D NAD E . -4.49 -14.33 20.85
O3D NAD E . -3.75 -15.52 20.57
C2D NAD E . -3.81 -13.18 20.09
O2D NAD E . -2.39 -13.31 20.04
C1D NAD E . -4.47 -13.35 18.72
N1N NAD E . -4.39 -12.11 17.92
C2N NAD E . -5.07 -11.00 18.33
C3N NAD E . -4.70 -9.80 17.73
C7N NAD E . -5.34 -8.55 18.23
O7N NAD E . -5.33 -7.55 17.51
N7N NAD E . -5.86 -8.59 19.45
C4N NAD E . -3.70 -9.76 16.71
C5N NAD E . -3.05 -10.91 16.36
C6N NAD E . -3.63 -12.09 16.77
#